data_8FPL
#
_entry.id   8FPL
#
_cell.length_a   1.00
_cell.length_b   1.00
_cell.length_c   1.00
_cell.angle_alpha   90.00
_cell.angle_beta   90.00
_cell.angle_gamma   90.00
#
_symmetry.space_group_name_H-M   'P 1'
#
loop_
_entity.id
_entity.type
_entity.pdbx_description
1 polymer 'Glutamate receptor 2'
2 non-polymer 6-(aminomethyl)-7-nitro-1,4-dihydroquinoxaline-2,3-dione
3 non-polymer CYCLOTHIAZIDE
#
_entity_poly.entity_id   1
_entity_poly.type   'polypeptide(L)'
_entity_poly.pdbx_seq_one_letter_code
;MQKIMHISVLLSPVLWGLIFGVSSNSIQIGGLFPRGADQEYSAFRVGMVQFSTSEFRLTPHIDNLEVANSFAVTNAFCSQ
FSRGVYAIFGFYDKKSVNTITSFCGTLHVSFITPSFPTDGTHPFVIQMRPDLKGALLSLIEYYQWDKFAYLYDSDRGLST
LQAVLDSAAEKKWQVTAINVGNINNDKKDETYRSLFQDLELKKERRVILDCERDKVNDIVDQVITIGKHVKGYHYIIANL
GFTDGDLLKIQFGGANVSGFQIVDYDDSLVSKFIERWSTLEEKEYPGAHTATIKYTSALTYDAVQVMTEAFRNLRKQRIE
ISRRGNAGDCLANPAVPWGQGVEIERALKQVQVEGLSGNIKFDQNGKRINYTINIMELKTNGPRKIGYWSEVDKMVVTLT
ELPSGNDTSGLENKTVVVTTILESPYVMMKKNHEMLEGNERYEGYCVDLAAEIAKHCGFKYKLTIVGDGKYGARDADTKI
WNGMVGELVYGKADIAIAPLTITLVREEVIDFSKPFMSLGISIMIKKPQKSKPGVFSFLDPLAYEIWMCIVFAYIGVSVV
LFLVSRFSPYEWHTEEFEDGRETQSSESTNEFGIFNSLWFSLGAFMQQGCDISPRSLSGRIVGGVWWFFTLIIISSYTAN
LAAFLTVERMVSPIESAEDLSKQTEIAYGTLDSGSTKEFFRRSKIAVFDKMWTYMRSAEPSVFVRTTAEGVARVRKSKGK
YAYLLESTMNEYIEQRKPCDTMKVGGNLDSKGYGIATPKGSSLGTPVNLAVLKLSEQGVLDKLKNKWWYDKGECGAKDSG
SKEKTSALSLSNVAGVFYILVGGLGLAMLVALIEFCYKSRAEAKRMKVAKNPQNINPSSSQNSQNFATDYKDDDDKEGYN
VYGIESVKI
;
_entity_poly.pdbx_strand_id   B,C,A,D
#
loop_
_chem_comp.id
_chem_comp.type
_chem_comp.name
_chem_comp.formula
CYZ non-polymer CYCLOTHIAZIDE 'C14 H16 Cl N3 O4 S2'
Y4Y non-polymer 6-(aminomethyl)-7-nitro-1,4-dihydroquinoxaline-2,3-dione 'C9 H8 N4 O4'
#
# COMPACT_ATOMS: atom_id res chain seq x y z
N LYS A 414 -39.81 -0.55 0.69
CA LYS A 414 -39.75 0.51 -0.30
C LYS A 414 -38.34 0.67 -0.85
N THR A 415 -38.07 0.04 -1.98
CA THR A 415 -36.75 0.14 -2.60
C THR A 415 -36.55 1.53 -3.22
N VAL A 416 -35.28 1.91 -3.36
CA VAL A 416 -34.91 3.22 -3.86
C VAL A 416 -34.51 3.08 -5.33
N VAL A 417 -35.18 3.84 -6.20
CA VAL A 417 -34.88 3.83 -7.62
C VAL A 417 -33.73 4.79 -7.86
N VAL A 418 -32.59 4.25 -8.30
CA VAL A 418 -31.38 5.04 -8.54
C VAL A 418 -31.24 5.20 -10.05
N THR A 419 -31.67 6.34 -10.57
CA THR A 419 -31.46 6.64 -11.98
C THR A 419 -30.01 6.98 -12.23
N THR A 420 -29.52 6.62 -13.42
CA THR A 420 -28.14 6.88 -13.79
C THR A 420 -28.03 6.88 -15.31
N ILE A 421 -26.82 7.11 -15.80
CA ILE A 421 -26.53 7.26 -17.21
C ILE A 421 -25.49 6.21 -17.60
N LEU A 422 -25.49 5.85 -18.88
CA LEU A 422 -24.51 4.89 -19.42
C LEU A 422 -23.31 5.68 -19.94
N GLU A 423 -22.32 5.88 -19.08
CA GLU A 423 -21.13 6.64 -19.42
C GLU A 423 -19.92 5.97 -18.79
N SER A 424 -18.83 5.88 -19.55
CA SER A 424 -17.66 5.21 -19.00
C SER A 424 -16.68 6.21 -18.42
N PRO A 425 -15.99 5.88 -17.33
CA PRO A 425 -16.05 4.63 -16.57
C PRO A 425 -17.03 4.69 -15.41
N TYR A 426 -18.11 5.45 -15.53
CA TYR A 426 -19.04 5.60 -14.42
C TYR A 426 -19.99 4.41 -14.33
N VAL A 427 -20.77 4.18 -15.38
CA VAL A 427 -21.65 3.02 -15.47
C VAL A 427 -21.48 2.41 -16.85
N MET A 428 -21.12 1.12 -16.90
CA MET A 428 -21.05 0.39 -18.15
C MET A 428 -21.52 -1.03 -17.93
N MET A 429 -22.00 -1.66 -19.01
CA MET A 429 -22.47 -3.03 -18.94
C MET A 429 -21.32 -3.98 -18.70
N LYS A 430 -21.61 -5.05 -17.96
CA LYS A 430 -20.61 -6.09 -17.73
C LYS A 430 -20.34 -6.86 -19.01
N LYS A 431 -19.17 -7.52 -19.05
CA LYS A 431 -18.79 -8.28 -20.23
C LYS A 431 -19.78 -9.42 -20.49
N ASN A 432 -20.20 -10.10 -19.43
CA ASN A 432 -21.18 -11.19 -19.51
C ASN A 432 -22.50 -10.75 -18.89
N HIS A 433 -22.90 -9.50 -19.13
CA HIS A 433 -24.08 -8.93 -18.50
C HIS A 433 -25.37 -9.63 -18.92
N GLU A 434 -25.38 -10.26 -20.10
CA GLU A 434 -26.59 -10.95 -20.53
C GLU A 434 -26.94 -12.11 -19.60
N MET A 435 -25.92 -12.86 -19.16
CA MET A 435 -26.17 -13.93 -18.20
C MET A 435 -26.60 -13.37 -16.85
N LEU A 436 -26.00 -12.27 -16.42
CA LEU A 436 -26.28 -11.69 -15.12
C LEU A 436 -27.61 -10.94 -15.13
N GLU A 437 -28.07 -10.57 -13.93
CA GLU A 437 -29.32 -9.85 -13.78
C GLU A 437 -29.25 -9.01 -12.50
N GLY A 438 -30.01 -7.92 -12.48
CA GLY A 438 -30.04 -7.07 -11.31
C GLY A 438 -28.95 -6.01 -11.34
N ASN A 439 -28.48 -5.64 -10.14
CA ASN A 439 -27.42 -4.65 -10.02
C ASN A 439 -26.05 -5.19 -10.43
N GLU A 440 -25.90 -6.52 -10.48
CA GLU A 440 -24.67 -7.12 -10.97
C GLU A 440 -24.51 -6.97 -12.48
N ARG A 441 -25.56 -6.55 -13.18
CA ARG A 441 -25.49 -6.35 -14.62
C ARG A 441 -24.59 -5.18 -15.00
N TYR A 442 -24.39 -4.23 -14.10
CA TYR A 442 -23.60 -3.04 -14.37
C TYR A 442 -22.35 -3.02 -13.51
N GLU A 443 -21.41 -2.15 -13.89
CA GLU A 443 -20.20 -1.94 -13.10
C GLU A 443 -19.67 -0.55 -13.40
N GLY A 444 -18.82 -0.05 -12.51
CA GLY A 444 -18.21 1.25 -12.73
C GLY A 444 -17.99 2.07 -11.47
N TYR A 445 -17.48 3.29 -11.65
CA TYR A 445 -17.24 4.17 -10.52
C TYR A 445 -18.54 4.52 -9.82
N CYS A 446 -19.58 4.87 -10.59
CA CYS A 446 -20.85 5.25 -9.99
C CYS A 446 -21.55 4.07 -9.36
N VAL A 447 -21.34 2.86 -9.87
CA VAL A 447 -21.92 1.67 -9.23
C VAL A 447 -21.33 1.48 -7.84
N ASP A 448 -20.01 1.60 -7.72
CA ASP A 448 -19.37 1.50 -6.40
C ASP A 448 -19.81 2.65 -5.49
N LEU A 449 -19.97 3.85 -6.06
CA LEU A 449 -20.43 4.97 -5.26
C LEU A 449 -21.84 4.72 -4.74
N ALA A 450 -22.73 4.19 -5.58
CA ALA A 450 -24.08 3.86 -5.14
C ALA A 450 -24.06 2.78 -4.06
N ALA A 451 -23.19 1.78 -4.21
CA ALA A 451 -23.07 0.75 -3.19
C ALA A 451 -22.63 1.35 -1.85
N GLU A 452 -21.63 2.24 -1.89
CA GLU A 452 -21.16 2.86 -0.65
C GLU A 452 -22.21 3.76 -0.03
N ILE A 453 -22.94 4.50 -0.86
CA ILE A 453 -24.01 5.37 -0.35
C ILE A 453 -25.09 4.53 0.32
N ALA A 454 -25.49 3.43 -0.32
CA ALA A 454 -26.48 2.54 0.28
C ALA A 454 -25.97 1.95 1.58
N LYS A 455 -24.69 1.56 1.63
CA LYS A 455 -24.13 1.00 2.86
C LYS A 455 -24.15 2.03 3.98
N HIS A 456 -23.81 3.29 3.67
CA HIS A 456 -23.80 4.32 4.70
C HIS A 456 -25.19 4.57 5.26
N CYS A 457 -26.19 4.66 4.38
CA CYS A 457 -27.55 4.98 4.80
C CYS A 457 -28.41 3.74 5.04
N GLY A 458 -27.92 2.55 4.72
CA GLY A 458 -28.63 1.32 5.01
C GLY A 458 -29.96 1.16 4.31
N PHE A 459 -30.01 1.43 3.01
CA PHE A 459 -31.22 1.22 2.23
C PHE A 459 -30.94 0.29 1.05
N LYS A 460 -32.01 -0.24 0.47
CA LYS A 460 -31.94 -1.13 -0.67
C LYS A 460 -32.30 -0.37 -1.94
N TYR A 461 -31.51 -0.56 -2.98
CA TYR A 461 -31.61 0.25 -4.19
C TYR A 461 -31.66 -0.63 -5.43
N LYS A 462 -32.20 -0.07 -6.50
CA LYS A 462 -32.30 -0.74 -7.80
C LYS A 462 -31.81 0.23 -8.87
N LEU A 463 -30.65 -0.06 -9.46
CA LEU A 463 -30.09 0.82 -10.48
C LEU A 463 -30.92 0.77 -11.75
N THR A 464 -31.24 1.94 -12.29
CA THR A 464 -31.99 2.06 -13.54
C THR A 464 -31.27 3.04 -14.46
N ILE A 465 -31.16 2.69 -15.73
CA ILE A 465 -30.60 3.59 -16.73
C ILE A 465 -31.71 4.46 -17.29
N VAL A 466 -31.47 5.77 -17.36
CA VAL A 466 -32.49 6.69 -17.83
C VAL A 466 -32.80 6.40 -19.30
N GLY A 467 -34.11 6.35 -19.62
CA GLY A 467 -34.51 5.98 -20.97
C GLY A 467 -34.10 7.01 -22.01
N ASP A 468 -34.23 8.29 -21.68
CA ASP A 468 -33.89 9.35 -22.61
C ASP A 468 -32.40 9.38 -22.94
N GLY A 469 -31.56 8.80 -22.08
CA GLY A 469 -30.12 8.87 -22.28
C GLY A 469 -29.58 10.28 -22.25
N LYS A 470 -30.14 11.14 -21.42
CA LYS A 470 -29.73 12.53 -21.32
C LYS A 470 -29.48 12.89 -19.86
N TYR A 471 -28.57 13.84 -19.66
CA TYR A 471 -28.22 14.23 -18.29
C TYR A 471 -29.31 15.10 -17.67
N GLY A 472 -29.93 15.96 -18.46
CA GLY A 472 -31.03 16.78 -17.96
C GLY A 472 -30.97 18.22 -18.41
N ALA A 473 -32.05 18.68 -19.02
CA ALA A 473 -32.16 20.06 -19.49
C ALA A 473 -33.62 20.42 -19.63
N ARG A 474 -33.90 21.72 -19.60
CA ARG A 474 -35.25 22.24 -19.73
C ARG A 474 -35.46 22.76 -21.14
N ASP A 475 -36.52 22.29 -21.79
CA ASP A 475 -36.81 22.74 -23.15
C ASP A 475 -37.19 24.21 -23.14
N ALA A 476 -36.78 24.93 -24.19
CA ALA A 476 -37.07 26.35 -24.27
C ALA A 476 -38.56 26.63 -24.43
N ASP A 477 -39.27 25.82 -25.22
CA ASP A 477 -40.67 26.04 -25.53
C ASP A 477 -41.60 25.35 -24.54
N THR A 478 -41.47 24.03 -24.39
CA THR A 478 -42.38 23.29 -23.53
C THR A 478 -42.06 23.51 -22.05
N LYS A 479 -40.83 23.94 -21.75
CA LYS A 479 -40.36 24.13 -20.38
C LYS A 479 -40.49 22.86 -19.55
N ILE A 480 -40.18 21.72 -20.16
CA ILE A 480 -40.28 20.42 -19.50
C ILE A 480 -38.89 19.82 -19.40
N TRP A 481 -38.48 19.48 -18.19
CA TRP A 481 -37.19 18.85 -17.98
C TRP A 481 -37.19 17.41 -18.51
N ASN A 482 -36.03 17.00 -19.03
CA ASN A 482 -35.85 15.66 -19.55
C ASN A 482 -34.64 15.02 -18.87
N GLY A 483 -34.38 13.77 -19.22
CA GLY A 483 -33.23 13.09 -18.67
C GLY A 483 -33.36 12.80 -17.18
N MET A 484 -32.20 12.69 -16.54
CA MET A 484 -32.13 12.34 -15.12
C MET A 484 -32.83 13.39 -14.26
N VAL A 485 -32.60 14.66 -14.57
CA VAL A 485 -33.25 15.74 -13.83
C VAL A 485 -34.76 15.65 -14.00
N GLY A 486 -35.22 15.34 -15.21
CA GLY A 486 -36.65 15.16 -15.42
C GLY A 486 -37.22 14.00 -14.63
N GLU A 487 -36.48 12.88 -14.57
CA GLU A 487 -36.95 11.75 -13.77
C GLU A 487 -37.05 12.12 -12.29
N LEU A 488 -36.08 12.87 -11.79
CA LEU A 488 -36.13 13.29 -10.39
C LEU A 488 -37.28 14.27 -10.14
N VAL A 489 -37.53 15.18 -11.08
CA VAL A 489 -38.53 16.22 -10.86
C VAL A 489 -39.93 15.62 -10.77
N TYR A 490 -40.25 14.71 -11.68
CA TYR A 490 -41.59 14.15 -11.78
C TYR A 490 -41.77 12.90 -10.92
N GLY A 491 -40.84 12.63 -9.99
CA GLY A 491 -41.01 11.54 -9.06
C GLY A 491 -40.84 10.16 -9.63
N LYS A 492 -40.14 10.04 -10.76
CA LYS A 492 -39.87 8.74 -11.36
C LYS A 492 -38.60 8.09 -10.84
N ALA A 493 -37.85 8.79 -9.99
CA ALA A 493 -36.65 8.24 -9.38
C ALA A 493 -36.43 8.91 -8.04
N ASP A 494 -35.65 8.26 -7.18
CA ASP A 494 -35.40 8.75 -5.84
C ASP A 494 -34.03 9.40 -5.66
N ILE A 495 -33.06 9.06 -6.50
CA ILE A 495 -31.72 9.61 -6.39
C ILE A 495 -30.99 9.37 -7.70
N ALA A 496 -30.09 10.27 -8.05
CA ALA A 496 -29.31 10.18 -9.29
C ALA A 496 -27.83 10.15 -8.92
N ILE A 497 -27.24 8.97 -8.93
CA ILE A 497 -25.82 8.79 -8.62
C ILE A 497 -25.11 8.63 -9.96
N ALA A 498 -24.66 9.75 -10.52
CA ALA A 498 -24.09 9.78 -11.85
C ALA A 498 -23.31 11.08 -12.01
N PRO A 499 -22.43 11.18 -13.01
CA PRO A 499 -21.70 12.43 -13.23
C PRO A 499 -22.60 13.55 -13.71
N LEU A 500 -23.41 14.10 -12.81
CA LEU A 500 -24.30 15.21 -13.11
C LEU A 500 -23.65 16.49 -12.62
N THR A 501 -23.51 17.47 -13.52
CA THR A 501 -22.82 18.71 -13.19
C THR A 501 -23.73 19.62 -12.38
N ILE A 502 -23.18 20.18 -11.30
CA ILE A 502 -23.91 21.07 -10.42
C ILE A 502 -23.98 22.44 -11.10
N THR A 503 -25.14 22.77 -11.65
CA THR A 503 -25.37 24.04 -12.33
C THR A 503 -26.47 24.81 -11.61
N LEU A 504 -26.66 26.07 -12.03
CA LEU A 504 -27.59 26.96 -11.33
C LEU A 504 -29.04 26.56 -11.54
N VAL A 505 -29.43 26.27 -12.79
CA VAL A 505 -30.82 25.92 -13.06
C VAL A 505 -31.18 24.61 -12.36
N ARG A 506 -30.29 23.63 -12.42
CA ARG A 506 -30.55 22.36 -11.76
C ARG A 506 -30.68 22.53 -10.25
N GLU A 507 -29.80 23.31 -9.64
CA GLU A 507 -29.89 23.56 -8.20
C GLU A 507 -31.16 24.33 -7.86
N GLU A 508 -31.62 25.20 -8.76
CA GLU A 508 -32.92 25.84 -8.57
C GLU A 508 -34.05 24.82 -8.62
N VAL A 509 -33.87 23.75 -9.39
CA VAL A 509 -34.96 22.82 -9.65
C VAL A 509 -34.88 21.58 -8.76
N ILE A 510 -33.66 21.09 -8.48
CA ILE A 510 -33.47 19.91 -7.66
C ILE A 510 -32.39 20.21 -6.62
N ASP A 511 -32.08 19.19 -5.82
CA ASP A 511 -31.08 19.29 -4.76
C ASP A 511 -29.80 18.56 -5.16
N PHE A 512 -28.67 19.21 -4.90
CA PHE A 512 -27.36 18.63 -5.15
C PHE A 512 -26.61 18.48 -3.83
N SER A 513 -25.85 17.39 -3.72
CA SER A 513 -24.96 17.23 -2.59
C SER A 513 -23.63 17.92 -2.88
N LYS A 514 -22.72 17.85 -1.92
CA LYS A 514 -21.37 18.36 -2.16
C LYS A 514 -20.72 17.54 -3.28
N PRO A 515 -19.92 18.16 -4.13
CA PRO A 515 -19.33 17.41 -5.26
C PRO A 515 -18.46 16.26 -4.77
N PHE A 516 -18.61 15.11 -5.43
CA PHE A 516 -17.76 13.97 -5.15
C PHE A 516 -16.58 13.87 -6.11
N MET A 517 -16.54 14.73 -7.14
CA MET A 517 -15.41 14.77 -8.06
C MET A 517 -15.30 16.16 -8.64
N SER A 518 -14.10 16.72 -8.59
CA SER A 518 -13.83 18.04 -9.15
C SER A 518 -13.21 17.91 -10.52
N LEU A 519 -13.72 18.67 -11.49
CA LEU A 519 -13.25 18.62 -12.86
C LEU A 519 -13.16 20.03 -13.41
N GLY A 520 -12.77 20.13 -14.67
CA GLY A 520 -12.66 21.42 -15.33
C GLY A 520 -12.39 21.23 -16.80
N ILE A 521 -12.14 22.34 -17.48
CA ILE A 521 -11.83 22.33 -18.90
C ILE A 521 -10.32 22.22 -19.06
N SER A 522 -9.89 21.25 -19.87
CA SER A 522 -8.48 20.99 -20.09
C SER A 522 -8.20 20.92 -21.59
N ILE A 523 -6.93 20.76 -21.95
CA ILE A 523 -6.49 20.69 -23.33
C ILE A 523 -6.04 19.28 -23.64
N MET A 524 -6.48 18.76 -24.78
CA MET A 524 -6.10 17.44 -25.26
C MET A 524 -5.24 17.60 -26.52
N ILE A 525 -4.05 17.02 -26.50
CA ILE A 525 -3.15 17.06 -27.65
C ILE A 525 -2.64 15.64 -27.91
N LYS A 526 -2.15 15.43 -29.13
CA LYS A 526 -1.50 14.18 -29.48
C LYS A 526 -0.16 14.07 -28.78
N LYS A 527 0.15 12.88 -28.28
CA LYS A 527 1.40 12.66 -27.57
C LYS A 527 2.60 12.76 -28.51
N PRO A 653 5.09 21.23 -27.14
CA PRO A 653 4.90 22.55 -27.74
C PRO A 653 3.87 23.39 -26.99
N ILE A 654 2.90 22.74 -26.39
CA ILE A 654 1.83 23.39 -25.65
C ILE A 654 1.83 22.86 -24.23
N GLU A 655 1.81 23.78 -23.25
CA GLU A 655 1.72 23.38 -21.86
C GLU A 655 0.75 24.24 -21.06
N SER A 656 -0.03 25.11 -21.70
CA SER A 656 -0.98 25.97 -21.02
C SER A 656 -1.90 26.59 -22.06
N ALA A 657 -2.96 27.23 -21.58
CA ALA A 657 -3.92 27.87 -22.48
C ALA A 657 -3.35 29.12 -23.13
N GLU A 658 -2.54 29.88 -22.38
CA GLU A 658 -1.95 31.09 -22.95
C GLU A 658 -1.00 30.76 -24.09
N ASP A 659 -0.27 29.65 -23.98
CA ASP A 659 0.57 29.22 -25.09
C ASP A 659 -0.26 28.89 -26.32
N LEU A 660 -1.42 28.26 -26.12
CA LEU A 660 -2.32 27.99 -27.25
C LEU A 660 -2.81 29.29 -27.88
N SER A 661 -3.14 30.28 -27.04
CA SER A 661 -3.63 31.55 -27.57
C SER A 661 -2.54 32.32 -28.31
N LYS A 662 -1.29 32.21 -27.86
CA LYS A 662 -0.20 32.98 -28.46
C LYS A 662 0.05 32.55 -29.91
N GLN A 663 0.08 31.24 -30.16
CA GLN A 663 0.46 30.73 -31.47
C GLN A 663 -0.77 30.58 -32.37
N THR A 664 -0.52 30.21 -33.63
CA THR A 664 -1.58 29.94 -34.58
C THR A 664 -1.36 28.69 -35.40
N GLU A 665 -0.22 28.00 -35.24
CA GLU A 665 0.03 26.78 -36.01
C GLU A 665 -0.93 25.68 -35.60
N ILE A 666 -1.19 25.54 -34.30
CA ILE A 666 -2.05 24.50 -33.78
C ILE A 666 -3.46 25.06 -33.62
N ALA A 667 -4.44 24.39 -34.22
CA ALA A 667 -5.82 24.78 -34.05
C ALA A 667 -6.39 24.14 -32.79
N TYR A 668 -7.47 24.74 -32.27
CA TYR A 668 -8.14 24.20 -31.10
C TYR A 668 -9.64 24.47 -31.22
N GLY A 669 -10.45 23.58 -30.66
CA GLY A 669 -11.88 23.71 -30.74
C GLY A 669 -12.57 22.93 -29.63
N THR A 670 -13.83 23.28 -29.43
CA THR A 670 -14.70 22.64 -28.45
C THR A 670 -15.92 22.05 -29.16
N LEU A 671 -16.92 21.67 -28.37
CA LEU A 671 -18.17 21.17 -28.92
C LEU A 671 -18.91 22.26 -29.68
N ASP A 672 -19.64 21.86 -30.72
CA ASP A 672 -20.46 22.79 -31.47
C ASP A 672 -21.57 23.40 -30.63
N SER A 673 -22.02 22.70 -29.59
CA SER A 673 -23.04 23.23 -28.69
C SER A 673 -22.88 22.52 -27.35
N GLY A 674 -22.43 23.25 -26.34
CA GLY A 674 -22.21 22.65 -25.04
C GLY A 674 -21.81 23.69 -24.01
N SER A 675 -21.41 23.19 -22.84
CA SER A 675 -21.03 24.09 -21.75
C SER A 675 -19.68 24.75 -22.00
N THR A 676 -18.75 24.05 -22.68
CA THR A 676 -17.44 24.63 -22.93
C THR A 676 -17.51 25.78 -23.94
N LYS A 677 -18.29 25.60 -25.01
CA LYS A 677 -18.46 26.69 -25.97
C LYS A 677 -19.14 27.89 -25.34
N GLU A 678 -20.15 27.65 -24.49
CA GLU A 678 -20.78 28.74 -23.78
C GLU A 678 -19.81 29.44 -22.84
N PHE A 679 -18.96 28.67 -22.16
CA PHE A 679 -17.96 29.25 -21.28
C PHE A 679 -17.02 30.16 -22.06
N PHE A 680 -16.59 29.73 -23.24
CA PHE A 680 -15.68 30.55 -24.04
C PHE A 680 -16.39 31.74 -24.66
N ARG A 681 -17.69 31.62 -24.94
CA ARG A 681 -18.42 32.69 -25.62
C ARG A 681 -18.53 33.94 -24.76
N ARG A 682 -18.80 33.77 -23.46
CA ARG A 682 -19.06 34.90 -22.58
C ARG A 682 -17.95 35.11 -21.54
N SER A 683 -16.73 34.67 -21.86
CA SER A 683 -15.62 34.83 -20.94
C SER A 683 -15.06 36.24 -21.04
N LYS A 684 -14.92 36.89 -19.89
CA LYS A 684 -14.40 38.25 -19.82
C LYS A 684 -12.89 38.31 -19.63
N ILE A 685 -12.24 37.17 -19.36
CA ILE A 685 -10.79 37.16 -19.23
C ILE A 685 -10.16 37.32 -20.61
N ALA A 686 -9.06 38.06 -20.67
CA ALA A 686 -8.48 38.45 -21.96
C ALA A 686 -8.03 37.23 -22.76
N VAL A 687 -7.34 36.28 -22.11
CA VAL A 687 -6.81 35.12 -22.82
C VAL A 687 -7.95 34.26 -23.38
N PHE A 688 -8.96 33.98 -22.57
CA PHE A 688 -10.08 33.20 -23.05
C PHE A 688 -10.87 33.98 -24.09
N ASP A 689 -10.89 35.30 -23.98
CA ASP A 689 -11.56 36.12 -24.99
C ASP A 689 -10.87 35.99 -26.35
N LYS A 690 -9.53 36.03 -26.38
CA LYS A 690 -8.84 35.91 -27.66
C LYS A 690 -8.91 34.49 -28.20
N MET A 691 -8.92 33.49 -27.32
CA MET A 691 -9.18 32.13 -27.80
C MET A 691 -10.56 32.01 -28.44
N TRP A 692 -11.58 32.60 -27.81
CA TRP A 692 -12.92 32.57 -28.39
C TRP A 692 -12.97 33.32 -29.72
N THR A 693 -12.26 34.44 -29.80
CA THR A 693 -12.21 35.18 -31.06
C THR A 693 -11.55 34.36 -32.17
N TYR A 694 -10.48 33.63 -31.83
CA TYR A 694 -9.83 32.77 -32.81
C TYR A 694 -10.77 31.66 -33.25
N MET A 695 -11.47 31.02 -32.31
CA MET A 695 -12.35 29.91 -32.66
C MET A 695 -13.53 30.38 -33.50
N ARG A 696 -14.10 31.54 -33.16
CA ARG A 696 -15.26 32.04 -33.89
C ARG A 696 -14.92 32.32 -35.36
N SER A 697 -13.82 33.04 -35.60
CA SER A 697 -13.36 33.34 -36.95
C SER A 697 -12.21 32.40 -37.28
N ALA A 698 -12.57 31.16 -37.61
CA ALA A 698 -11.61 30.15 -38.02
C ALA A 698 -12.15 29.38 -39.20
N GLU A 699 -11.30 29.15 -40.20
CA GLU A 699 -11.67 28.39 -41.39
C GLU A 699 -10.60 27.34 -41.64
N PRO A 700 -10.95 26.05 -41.70
CA PRO A 700 -12.28 25.45 -41.51
C PRO A 700 -12.73 25.54 -40.05
N SER A 701 -14.01 25.32 -39.78
CA SER A 701 -14.51 25.41 -38.41
C SER A 701 -13.84 24.38 -37.53
N VAL A 702 -13.46 24.80 -36.31
CA VAL A 702 -12.77 23.93 -35.37
C VAL A 702 -13.73 23.20 -34.44
N PHE A 703 -15.02 23.49 -34.51
CA PHE A 703 -15.99 22.86 -33.63
C PHE A 703 -16.32 21.45 -34.12
N VAL A 704 -16.73 20.62 -33.17
CA VAL A 704 -17.01 19.20 -33.41
C VAL A 704 -18.43 18.91 -32.93
N ARG A 705 -19.00 17.81 -33.44
CA ARG A 705 -20.35 17.44 -33.05
C ARG A 705 -20.41 16.49 -31.86
N THR A 706 -19.33 15.76 -31.58
CA THR A 706 -19.32 14.83 -30.46
C THR A 706 -17.90 14.73 -29.91
N THR A 707 -17.82 14.30 -28.65
CA THR A 707 -16.50 14.14 -28.01
C THR A 707 -15.67 13.11 -28.74
N ALA A 708 -16.28 12.02 -29.21
CA ALA A 708 -15.55 11.02 -29.97
C ALA A 708 -14.99 11.61 -31.26
N GLU A 709 -15.77 12.47 -31.92
CA GLU A 709 -15.27 13.14 -33.11
C GLU A 709 -14.07 14.03 -32.78
N GLY A 710 -14.12 14.74 -31.66
CA GLY A 710 -12.99 15.56 -31.27
C GLY A 710 -11.74 14.74 -30.98
N VAL A 711 -11.91 13.62 -30.29
CA VAL A 711 -10.77 12.76 -30.01
C VAL A 711 -10.19 12.20 -31.30
N ALA A 712 -11.06 11.77 -32.21
CA ALA A 712 -10.59 11.26 -33.50
C ALA A 712 -9.84 12.33 -34.28
N ARG A 713 -10.36 13.56 -34.30
CA ARG A 713 -9.70 14.65 -34.99
C ARG A 713 -8.33 14.95 -34.37
N VAL A 714 -8.23 14.85 -33.05
CA VAL A 714 -6.93 15.03 -32.39
C VAL A 714 -5.96 13.94 -32.83
N ARG A 715 -6.42 12.68 -32.83
CA ARG A 715 -5.54 11.57 -33.19
C ARG A 715 -5.22 11.51 -34.67
N LYS A 716 -5.95 12.24 -35.51
CA LYS A 716 -5.74 12.21 -36.95
C LYS A 716 -4.93 13.40 -37.46
N SER A 717 -5.05 14.57 -36.84
CA SER A 717 -4.38 15.77 -37.30
C SER A 717 -2.90 15.82 -36.96
N LYS A 718 -2.34 14.71 -36.49
CA LYS A 718 -0.91 14.55 -36.20
C LYS A 718 -0.30 15.79 -35.54
N GLY A 719 -0.89 16.16 -34.40
CA GLY A 719 -0.34 17.24 -33.59
C GLY A 719 -0.71 18.63 -34.02
N LYS A 720 -1.58 18.78 -35.02
CA LYS A 720 -1.99 20.09 -35.50
C LYS A 720 -3.41 20.45 -35.09
N TYR A 721 -3.92 19.82 -34.03
CA TYR A 721 -5.24 20.15 -33.51
C TYR A 721 -5.26 19.86 -32.02
N ALA A 722 -5.91 20.74 -31.26
CA ALA A 722 -6.06 20.58 -29.83
C ALA A 722 -7.54 20.54 -29.47
N TYR A 723 -7.87 19.76 -28.45
CA TYR A 723 -9.25 19.55 -28.05
C TYR A 723 -9.44 20.07 -26.63
N LEU A 724 -10.51 20.84 -26.43
CA LEU A 724 -10.85 21.36 -25.11
C LEU A 724 -12.10 20.63 -24.61
N LEU A 725 -11.98 19.98 -23.46
CA LEU A 725 -13.03 19.10 -22.96
C LEU A 725 -12.84 18.93 -21.45
N GLU A 726 -13.77 18.19 -20.85
CA GLU A 726 -13.71 17.95 -19.41
C GLU A 726 -12.45 17.18 -19.04
N SER A 727 -11.87 17.53 -17.90
CA SER A 727 -10.61 16.91 -17.49
C SER A 727 -10.76 15.44 -17.17
N THR A 728 -11.89 15.04 -16.59
CA THR A 728 -12.10 13.64 -16.25
C THR A 728 -12.12 12.78 -17.51
N MET A 729 -12.87 13.21 -18.52
CA MET A 729 -12.88 12.49 -19.79
C MET A 729 -11.52 12.54 -20.46
N ASN A 730 -10.80 13.65 -20.32
CA ASN A 730 -9.45 13.75 -20.87
C ASN A 730 -8.54 12.68 -20.29
N GLU A 731 -8.53 12.55 -18.96
CA GLU A 731 -7.70 11.54 -18.32
C GLU A 731 -8.16 10.14 -18.68
N TYR A 732 -9.47 9.92 -18.75
CA TYR A 732 -9.98 8.60 -19.13
C TYR A 732 -9.47 8.20 -20.50
N ILE A 733 -9.62 9.09 -21.49
CA ILE A 733 -9.15 8.78 -22.84
C ILE A 733 -7.64 8.64 -22.86
N GLU A 734 -6.93 9.41 -22.02
CA GLU A 734 -5.49 9.26 -21.92
C GLU A 734 -5.08 7.87 -21.44
N GLN A 735 -5.92 7.25 -20.61
CA GLN A 735 -5.62 5.92 -20.08
C GLN A 735 -6.28 4.80 -20.89
N ARG A 736 -6.49 5.00 -22.18
CA ARG A 736 -7.08 3.99 -23.04
C ARG A 736 -6.23 3.79 -24.28
N LYS A 737 -6.35 2.62 -24.89
CA LYS A 737 -5.65 2.33 -26.13
C LYS A 737 -6.20 3.20 -27.26
N PRO A 738 -5.35 3.58 -28.22
CA PRO A 738 -3.95 3.20 -28.42
C PRO A 738 -2.96 4.08 -27.66
N CYS A 739 -3.43 4.91 -26.74
CA CYS A 739 -2.58 5.71 -25.85
C CYS A 739 -1.67 6.65 -26.66
N ASP A 740 -2.30 7.52 -27.45
CA ASP A 740 -1.58 8.50 -28.23
C ASP A 740 -1.93 9.94 -27.88
N THR A 741 -2.80 10.16 -26.90
CA THR A 741 -3.16 11.49 -26.43
C THR A 741 -2.71 11.69 -25.00
N MET A 742 -2.61 12.95 -24.59
CA MET A 742 -2.26 13.27 -23.22
C MET A 742 -2.86 14.62 -22.84
N LYS A 743 -3.00 14.84 -21.54
CA LYS A 743 -3.54 16.09 -21.01
C LYS A 743 -2.40 17.01 -20.61
N VAL A 744 -2.45 18.26 -21.07
CA VAL A 744 -1.40 19.24 -20.84
C VAL A 744 -1.99 20.45 -20.15
N GLY A 745 -1.23 21.00 -19.19
CA GLY A 745 -1.64 22.21 -18.51
C GLY A 745 -2.64 21.96 -17.40
N GLY A 746 -3.08 23.05 -16.79
CA GLY A 746 -4.09 23.01 -15.75
C GLY A 746 -5.49 23.17 -16.31
N ASN A 747 -6.46 23.17 -15.39
CA ASN A 747 -7.85 23.35 -15.77
C ASN A 747 -8.18 24.82 -15.98
N LEU A 748 -8.94 25.10 -17.04
CA LEU A 748 -9.32 26.47 -17.35
C LEU A 748 -10.43 26.99 -16.44
N ASP A 749 -11.20 26.11 -15.82
CA ASP A 749 -12.29 26.50 -14.92
C ASP A 749 -12.50 25.40 -13.89
N SER A 750 -13.54 25.55 -13.07
CA SER A 750 -13.83 24.62 -12.01
C SER A 750 -15.30 24.21 -12.06
N LYS A 751 -15.56 22.91 -11.99
CA LYS A 751 -16.90 22.36 -11.91
C LYS A 751 -16.87 21.16 -10.97
N GLY A 752 -18.02 20.55 -10.78
CA GLY A 752 -18.11 19.40 -9.89
C GLY A 752 -19.27 18.51 -10.26
N TYR A 753 -19.14 17.23 -9.94
CA TYR A 753 -20.19 16.25 -10.11
C TYR A 753 -20.85 15.99 -8.75
N GLY A 754 -22.17 16.12 -8.71
CA GLY A 754 -22.89 15.97 -7.46
C GLY A 754 -24.02 14.96 -7.59
N ILE A 755 -24.27 14.26 -6.49
CA ILE A 755 -25.40 13.35 -6.41
C ILE A 755 -26.67 14.15 -6.24
N ALA A 756 -27.65 13.90 -7.10
CA ALA A 756 -28.87 14.69 -7.17
C ALA A 756 -30.01 13.99 -6.45
N THR A 757 -30.82 14.78 -5.75
CA THR A 757 -31.93 14.31 -4.94
C THR A 757 -33.12 15.22 -5.20
N PRO A 758 -34.34 14.67 -5.25
CA PRO A 758 -35.51 15.50 -5.52
C PRO A 758 -35.69 16.59 -4.47
N LYS A 759 -36.18 17.74 -4.93
CA LYS A 759 -36.39 18.90 -4.07
C LYS A 759 -37.39 18.59 -2.97
N GLY A 760 -36.92 18.56 -1.72
CA GLY A 760 -37.77 18.24 -0.60
C GLY A 760 -37.70 16.81 -0.11
N SER A 761 -36.86 15.97 -0.72
CA SER A 761 -36.74 14.59 -0.28
C SER A 761 -35.99 14.49 1.04
N SER A 762 -36.14 13.34 1.69
CA SER A 762 -35.50 13.09 2.98
C SER A 762 -34.11 12.49 2.87
N LEU A 763 -33.67 12.13 1.66
CA LEU A 763 -32.36 11.52 1.46
C LEU A 763 -31.25 12.54 1.33
N GLY A 764 -31.56 13.82 1.17
CA GLY A 764 -30.55 14.83 0.87
C GLY A 764 -29.48 14.98 1.93
N THR A 765 -29.88 15.19 3.18
CA THR A 765 -28.91 15.35 4.26
C THR A 765 -28.08 14.10 4.51
N PRO A 766 -28.67 12.90 4.65
CA PRO A 766 -27.81 11.71 4.81
C PRO A 766 -26.90 11.46 3.62
N VAL A 767 -27.37 11.75 2.40
CA VAL A 767 -26.52 11.54 1.23
C VAL A 767 -25.35 12.53 1.23
N ASN A 768 -25.61 13.79 1.60
CA ASN A 768 -24.54 14.77 1.69
C ASN A 768 -23.52 14.38 2.74
N LEU A 769 -23.99 13.91 3.90
CA LEU A 769 -23.07 13.48 4.95
C LEU A 769 -22.27 12.26 4.50
N ALA A 770 -22.90 11.34 3.78
CA ALA A 770 -22.19 10.18 3.26
C ALA A 770 -21.11 10.60 2.27
N VAL A 771 -21.41 11.56 1.40
CA VAL A 771 -20.43 12.03 0.43
C VAL A 771 -19.24 12.65 1.16
N LEU A 772 -19.51 13.48 2.15
CA LEU A 772 -18.42 14.10 2.92
C LEU A 772 -17.59 13.05 3.64
N LYS A 773 -18.25 12.06 4.23
CA LYS A 773 -17.53 11.00 4.94
C LYS A 773 -16.66 10.19 3.98
N LEU A 774 -17.18 9.88 2.79
CA LEU A 774 -16.40 9.14 1.81
C LEU A 774 -15.21 9.96 1.33
N SER A 775 -15.39 11.28 1.18
CA SER A 775 -14.28 12.13 0.78
C SER A 775 -13.19 12.17 1.85
N GLU A 776 -13.59 12.27 3.12
CA GLU A 776 -12.59 12.46 4.17
C GLU A 776 -11.79 11.18 4.43
N GLN A 777 -12.42 10.02 4.34
CA GLN A 777 -11.69 8.77 4.54
C GLN A 777 -10.80 8.41 3.36
N GLY A 778 -11.05 8.96 2.18
CA GLY A 778 -10.26 8.65 1.02
C GLY A 778 -10.84 7.59 0.10
N VAL A 779 -12.08 7.18 0.32
CA VAL A 779 -12.70 6.18 -0.55
C VAL A 779 -12.89 6.73 -1.96
N LEU A 780 -13.29 7.99 -2.07
CA LEU A 780 -13.50 8.59 -3.39
C LEU A 780 -12.21 8.68 -4.17
N ASP A 781 -11.10 9.00 -3.50
CA ASP A 781 -9.80 8.98 -4.17
C ASP A 781 -9.44 7.57 -4.63
N LYS A 782 -9.72 6.58 -3.79
CA LYS A 782 -9.40 5.20 -4.15
C LYS A 782 -10.26 4.71 -5.31
N LEU A 783 -11.56 5.05 -5.30
CA LEU A 783 -12.44 4.64 -6.38
C LEU A 783 -12.04 5.29 -7.70
N LYS A 784 -11.68 6.58 -7.66
CA LYS A 784 -11.23 7.25 -8.87
C LYS A 784 -9.94 6.63 -9.40
N ASN A 785 -9.00 6.31 -8.52
CA ASN A 785 -7.75 5.71 -8.95
C ASN A 785 -7.97 4.32 -9.54
N LYS A 786 -8.95 3.58 -9.01
CA LYS A 786 -9.19 2.23 -9.48
C LYS A 786 -9.74 2.22 -10.90
N TRP A 787 -10.73 3.04 -11.19
CA TRP A 787 -11.42 3.00 -12.47
C TRP A 787 -10.77 3.88 -13.53
N TRP A 788 -9.75 4.64 -13.19
CA TRP A 788 -9.03 5.47 -14.15
C TRP A 788 -7.61 4.98 -14.44
N TYR A 789 -6.85 4.66 -13.40
CA TYR A 789 -5.45 4.27 -13.54
C TYR A 789 -5.20 2.79 -13.29
N ASP A 790 -5.85 2.21 -12.28
CA ASP A 790 -5.65 0.78 -12.01
C ASP A 790 -6.20 -0.08 -13.14
N LYS A 791 -7.27 0.36 -13.80
CA LYS A 791 -7.82 -0.34 -14.95
C LYS A 791 -7.41 0.31 -16.27
N GLY A 792 -6.40 1.18 -16.25
CA GLY A 792 -5.94 1.79 -17.47
C GLY A 792 -5.16 0.81 -18.33
N GLU A 793 -5.19 1.07 -19.64
CA GLU A 793 -4.54 0.20 -20.62
C GLU A 793 -3.26 0.81 -21.19
N CYS A 794 -2.66 1.77 -20.48
CA CYS A 794 -1.45 2.41 -20.94
C CYS A 794 -0.37 2.38 -19.88
N LYS B 414 -32.93 44.37 8.73
CA LYS B 414 -31.97 44.02 9.78
C LYS B 414 -30.58 43.82 9.20
N THR B 415 -29.58 44.38 9.86
CA THR B 415 -28.20 44.23 9.42
C THR B 415 -27.70 42.82 9.70
N VAL B 416 -27.10 42.21 8.68
CA VAL B 416 -26.59 40.85 8.75
C VAL B 416 -25.16 40.90 9.24
N VAL B 417 -24.88 40.21 10.34
CA VAL B 417 -23.54 40.16 10.91
C VAL B 417 -22.74 39.08 10.19
N VAL B 418 -21.60 39.46 9.63
CA VAL B 418 -20.72 38.54 8.92
C VAL B 418 -19.46 38.35 9.74
N THR B 419 -19.16 37.11 10.11
CA THR B 419 -17.94 36.80 10.83
C THR B 419 -16.84 36.40 9.86
N THR B 420 -15.65 36.95 10.07
CA THR B 420 -14.53 36.72 9.17
C THR B 420 -13.27 36.48 10.00
N ILE B 421 -12.22 36.02 9.33
CA ILE B 421 -10.92 35.80 9.95
C ILE B 421 -9.86 36.55 9.16
N LEU B 422 -8.94 37.19 9.86
CA LEU B 422 -7.87 37.96 9.22
C LEU B 422 -6.84 36.99 8.67
N GLU B 423 -6.87 36.78 7.35
CA GLU B 423 -5.87 35.94 6.70
C GLU B 423 -5.69 36.40 5.27
N SER B 424 -4.44 36.71 4.91
CA SER B 424 -4.16 37.17 3.55
C SER B 424 -4.29 36.02 2.56
N PRO B 425 -4.84 36.26 1.37
CA PRO B 425 -5.41 37.51 0.88
C PRO B 425 -6.92 37.61 1.05
N TYR B 426 -7.51 36.76 1.88
CA TYR B 426 -8.96 36.70 2.00
C TYR B 426 -9.50 37.95 2.71
N VAL B 427 -9.03 38.19 3.92
CA VAL B 427 -9.35 39.42 4.65
C VAL B 427 -8.05 40.04 5.13
N MET B 428 -7.78 41.27 4.68
CA MET B 428 -6.60 41.99 5.10
C MET B 428 -7.00 43.39 5.54
N MET B 429 -6.22 43.94 6.47
CA MET B 429 -6.56 45.23 7.05
C MET B 429 -5.98 46.33 6.16
N LYS B 430 -6.80 47.34 5.85
CA LYS B 430 -6.34 48.38 4.93
C LYS B 430 -5.21 49.19 5.52
N LYS B 431 -4.44 49.82 4.63
CA LYS B 431 -3.24 50.55 5.05
C LYS B 431 -3.60 51.73 5.95
N ASN B 432 -4.48 52.60 5.47
CA ASN B 432 -4.96 53.73 6.29
C ASN B 432 -6.24 53.37 7.02
N HIS B 433 -6.22 52.24 7.72
CA HIS B 433 -7.45 51.75 8.35
C HIS B 433 -7.77 52.51 9.63
N GLU B 434 -6.76 53.16 10.23
CA GLU B 434 -7.01 53.97 11.41
C GLU B 434 -7.96 55.12 11.09
N MET B 435 -7.78 55.75 9.92
CA MET B 435 -8.66 56.82 9.49
C MET B 435 -10.00 56.32 8.96
N LEU B 436 -10.17 55.02 8.80
CA LEU B 436 -11.40 54.45 8.25
C LEU B 436 -12.18 53.72 9.32
N GLU B 437 -13.49 53.61 9.10
CA GLU B 437 -14.38 52.92 10.01
C GLU B 437 -15.41 52.13 9.20
N GLY B 438 -15.89 51.05 9.78
CA GLY B 438 -16.91 50.23 9.14
C GLY B 438 -16.34 49.16 8.24
N ASN B 439 -17.06 48.83 7.16
CA ASN B 439 -16.58 47.83 6.22
C ASN B 439 -15.47 48.36 5.34
N GLU B 440 -15.26 49.68 5.33
CA GLU B 440 -14.19 50.25 4.53
C GLU B 440 -12.82 49.97 5.14
N ARG B 441 -12.80 49.41 6.35
CA ARG B 441 -11.55 49.11 7.04
C ARG B 441 -10.86 47.89 6.45
N TYR B 442 -11.62 47.03 5.76
CA TYR B 442 -11.12 45.74 5.32
C TYR B 442 -11.10 45.67 3.80
N GLU B 443 -10.23 44.80 3.29
CA GLU B 443 -10.15 44.49 1.87
C GLU B 443 -9.66 43.06 1.70
N GLY B 444 -9.97 42.48 0.56
CA GLY B 444 -9.50 41.15 0.25
C GLY B 444 -10.50 40.40 -0.59
N TYR B 445 -10.14 39.14 -0.89
CA TYR B 445 -11.01 38.28 -1.70
C TYR B 445 -12.35 38.06 -1.00
N CYS B 446 -12.32 37.79 0.30
CA CYS B 446 -13.56 37.51 1.02
C CYS B 446 -14.41 38.76 1.17
N VAL B 447 -13.79 39.94 1.26
CA VAL B 447 -14.56 41.19 1.32
C VAL B 447 -15.31 41.39 0.02
N ASP B 448 -14.65 41.17 -1.12
CA ASP B 448 -15.31 41.29 -2.41
C ASP B 448 -16.41 40.25 -2.57
N LEU B 449 -16.14 39.02 -2.10
CA LEU B 449 -17.17 37.98 -2.15
C LEU B 449 -18.38 38.35 -1.32
N ALA B 450 -18.15 38.92 -0.13
CA ALA B 450 -19.25 39.37 0.73
C ALA B 450 -20.04 40.47 0.06
N ALA B 451 -19.35 41.40 -0.60
CA ALA B 451 -20.04 42.46 -1.33
C ALA B 451 -20.93 41.89 -2.42
N GLU B 452 -20.41 40.93 -3.19
CA GLU B 452 -21.20 40.32 -4.26
C GLU B 452 -22.40 39.57 -3.71
N ILE B 453 -22.20 38.79 -2.64
CA ILE B 453 -23.30 38.04 -2.05
C ILE B 453 -24.37 38.97 -1.53
N ALA B 454 -23.97 40.04 -0.84
CA ALA B 454 -24.93 41.00 -0.31
C ALA B 454 -25.70 41.69 -1.43
N LYS B 455 -25.00 42.05 -2.51
CA LYS B 455 -25.67 42.68 -3.64
C LYS B 455 -26.69 41.73 -4.27
N HIS B 456 -26.31 40.46 -4.42
N HIS B 456 -26.33 40.46 -4.39
CA HIS B 456 -27.22 39.48 -5.02
CA HIS B 456 -27.23 39.50 -5.03
C HIS B 456 -28.43 39.24 -4.14
C HIS B 456 -28.44 39.19 -4.15
N CYS B 457 -28.23 39.09 -2.83
CA CYS B 457 -29.33 38.82 -1.90
C CYS B 457 -29.98 40.08 -1.35
N GLY B 458 -29.46 41.26 -1.66
CA GLY B 458 -30.10 42.50 -1.29
C GLY B 458 -30.21 42.77 0.20
N PHE B 459 -29.13 42.58 0.95
CA PHE B 459 -29.12 42.87 2.37
C PHE B 459 -27.90 43.71 2.73
N LYS B 460 -28.03 44.45 3.83
CA LYS B 460 -26.92 45.21 4.39
C LYS B 460 -26.19 44.38 5.44
N TYR B 461 -24.87 44.47 5.44
CA TYR B 461 -24.04 43.62 6.29
C TYR B 461 -22.97 44.45 6.98
N LYS B 462 -22.47 43.93 8.10
CA LYS B 462 -21.41 44.56 8.87
C LYS B 462 -20.33 43.52 9.13
N LEU B 463 -19.16 43.70 8.53
CA LEU B 463 -18.08 42.74 8.66
C LEU B 463 -17.47 42.81 10.05
N THR B 464 -17.32 41.65 10.69
CA THR B 464 -16.70 41.55 12.00
C THR B 464 -15.67 40.43 11.98
N ILE B 465 -14.58 40.63 12.70
CA ILE B 465 -13.51 39.64 12.81
C ILE B 465 -13.76 38.78 14.05
N VAL B 466 -13.62 37.47 13.89
CA VAL B 466 -13.88 36.56 15.00
C VAL B 466 -12.90 36.84 16.14
N GLY B 467 -13.41 36.82 17.37
CA GLY B 467 -12.63 37.30 18.50
C GLY B 467 -11.40 36.44 18.76
N ASP B 468 -11.58 35.13 18.78
CA ASP B 468 -10.46 34.23 19.10
C ASP B 468 -9.55 33.96 17.91
N GLY B 469 -9.93 34.41 16.72
CA GLY B 469 -9.09 34.18 15.54
C GLY B 469 -8.91 32.73 15.18
N LYS B 470 -9.96 31.92 15.32
CA LYS B 470 -9.92 30.50 15.03
C LYS B 470 -10.96 30.16 13.98
N TYR B 471 -10.68 29.13 13.19
CA TYR B 471 -11.62 28.71 12.16
C TYR B 471 -12.80 27.96 12.77
N GLY B 472 -12.56 27.09 13.74
CA GLY B 472 -13.64 26.39 14.40
C GLY B 472 -13.38 24.91 14.63
N ALA B 473 -13.53 24.48 15.88
CA ALA B 473 -13.35 23.08 16.23
C ALA B 473 -14.13 22.81 17.52
N ARG B 474 -14.51 21.55 17.69
CA ARG B 474 -15.25 21.14 18.88
C ARG B 474 -14.28 20.71 19.97
N ASP B 475 -14.47 21.26 21.17
CA ASP B 475 -13.65 20.88 22.31
C ASP B 475 -13.90 19.42 22.68
N ALA B 476 -12.81 18.68 22.91
CA ALA B 476 -12.93 17.26 23.19
C ALA B 476 -13.46 16.98 24.59
N ASP B 477 -13.51 18.00 25.46
CA ASP B 477 -13.92 17.82 26.85
C ASP B 477 -15.23 18.51 27.18
N THR B 478 -15.55 19.63 26.53
CA THR B 478 -16.78 20.35 26.80
C THR B 478 -17.79 20.31 25.65
N LYS B 479 -17.40 19.75 24.50
CA LYS B 479 -18.25 19.72 23.31
C LYS B 479 -18.73 21.12 22.94
N ILE B 480 -17.83 22.09 23.02
CA ILE B 480 -18.15 23.49 22.75
C ILE B 480 -17.38 23.91 21.50
N TRP B 481 -18.09 24.49 20.53
CA TRP B 481 -17.47 24.97 19.31
C TRP B 481 -16.86 26.35 19.54
N ASN B 482 -15.67 26.56 19.00
CA ASN B 482 -14.99 27.84 19.04
C ASN B 482 -14.87 28.39 17.63
N GLY B 483 -14.29 29.58 17.51
CA GLY B 483 -14.08 30.17 16.20
C GLY B 483 -15.38 30.60 15.53
N MET B 484 -15.32 30.64 14.20
CA MET B 484 -16.48 31.07 13.42
C MET B 484 -17.61 30.07 13.49
N VAL B 485 -17.31 28.77 13.57
CA VAL B 485 -18.35 27.77 13.74
C VAL B 485 -19.07 27.98 15.06
N GLY B 486 -18.32 28.28 16.12
CA GLY B 486 -18.96 28.61 17.39
C GLY B 486 -19.76 29.90 17.32
N GLU B 487 -19.28 30.87 16.55
CA GLU B 487 -20.04 32.11 16.36
C GLU B 487 -21.39 31.83 15.69
N LEU B 488 -21.38 30.96 14.69
CA LEU B 488 -22.62 30.66 13.96
C LEU B 488 -23.57 29.81 14.80
N VAL B 489 -23.05 28.77 15.45
CA VAL B 489 -23.91 27.84 16.17
C VAL B 489 -24.62 28.54 17.33
N TYR B 490 -23.88 29.37 18.07
CA TYR B 490 -24.40 30.00 19.28
C TYR B 490 -25.08 31.34 18.99
N GLY B 491 -25.50 31.57 17.76
CA GLY B 491 -26.32 32.73 17.44
C GLY B 491 -25.61 34.05 17.38
N LYS B 492 -24.28 34.06 17.47
CA LYS B 492 -23.55 35.33 17.47
C LYS B 492 -23.52 35.97 16.09
N ALA B 493 -23.40 35.14 15.04
CA ALA B 493 -23.27 35.64 13.67
C ALA B 493 -24.30 34.98 12.78
N ASP B 494 -24.65 35.68 11.69
CA ASP B 494 -25.64 35.19 10.76
C ASP B 494 -25.06 34.48 9.54
N ILE B 495 -23.77 34.69 9.25
CA ILE B 495 -23.14 34.08 8.09
C ILE B 495 -21.63 34.20 8.24
N ALA B 496 -20.91 33.20 7.74
CA ALA B 496 -19.45 33.20 7.75
C ALA B 496 -18.95 33.18 6.32
N ILE B 497 -18.16 34.19 5.95
CA ILE B 497 -17.58 34.29 4.62
C ILE B 497 -16.07 34.32 4.81
N ALA B 498 -15.45 33.14 4.76
CA ALA B 498 -14.04 32.99 5.07
C ALA B 498 -13.55 31.69 4.45
N PRO B 499 -12.24 31.49 4.35
CA PRO B 499 -11.73 30.20 3.87
C PRO B 499 -11.98 29.08 4.86
N LEU B 500 -13.25 28.72 5.03
CA LEU B 500 -13.67 27.70 5.98
C LEU B 500 -13.83 26.39 5.23
N THR B 501 -12.99 25.41 5.57
CA THR B 501 -13.02 24.13 4.88
C THR B 501 -14.31 23.37 5.21
N ILE B 502 -14.89 22.76 4.18
CA ILE B 502 -16.11 21.97 4.35
C ILE B 502 -15.71 20.59 4.86
N THR B 503 -16.05 20.30 6.11
CA THR B 503 -15.72 19.02 6.73
C THR B 503 -17.00 18.38 7.27
N LEU B 504 -16.92 17.07 7.51
CA LEU B 504 -18.09 16.32 7.98
C LEU B 504 -18.52 16.79 9.36
N VAL B 505 -17.58 17.03 10.26
CA VAL B 505 -17.93 17.44 11.62
C VAL B 505 -18.62 18.80 11.62
N ARG B 506 -18.21 19.71 10.72
CA ARG B 506 -18.82 21.03 10.68
C ARG B 506 -20.19 20.99 10.01
N GLU B 507 -20.36 20.17 8.97
CA GLU B 507 -21.63 20.12 8.27
C GLU B 507 -22.77 19.59 9.15
N GLU B 508 -22.45 18.87 10.22
CA GLU B 508 -23.47 18.37 11.13
C GLU B 508 -24.05 19.46 12.01
N VAL B 509 -23.35 20.60 12.15
CA VAL B 509 -23.79 21.66 13.05
C VAL B 509 -24.15 22.94 12.32
N ILE B 510 -23.65 23.17 11.10
CA ILE B 510 -23.96 24.34 10.32
C ILE B 510 -24.23 23.92 8.88
N ASP B 511 -24.68 24.88 8.08
CA ASP B 511 -24.97 24.65 6.67
C ASP B 511 -23.85 25.23 5.81
N PHE B 512 -23.33 24.41 4.90
CA PHE B 512 -22.30 24.83 3.97
C PHE B 512 -22.90 24.99 2.58
N SER B 513 -22.59 26.10 1.92
CA SER B 513 -22.96 26.26 0.52
C SER B 513 -22.02 25.45 -0.36
N LYS B 514 -22.28 25.46 -1.66
CA LYS B 514 -21.36 24.81 -2.58
C LYS B 514 -20.01 25.52 -2.52
N PRO B 515 -18.90 24.79 -2.66
CA PRO B 515 -17.58 25.42 -2.52
C PRO B 515 -17.37 26.52 -3.55
N PHE B 516 -16.76 27.62 -3.09
CA PHE B 516 -16.35 28.70 -3.99
C PHE B 516 -14.87 28.65 -4.32
N MET B 517 -14.08 27.85 -3.61
CA MET B 517 -12.68 27.64 -3.91
C MET B 517 -12.35 26.16 -3.77
N SER B 518 -11.67 25.60 -4.77
CA SER B 518 -11.15 24.25 -4.70
C SER B 518 -9.66 24.31 -4.38
N LEU B 519 -9.22 23.38 -3.54
CA LEU B 519 -7.83 23.37 -3.10
C LEU B 519 -7.44 21.94 -2.76
N GLY B 520 -6.22 21.79 -2.23
CA GLY B 520 -5.71 20.48 -1.88
C GLY B 520 -4.33 20.62 -1.28
N ILE B 521 -3.76 19.48 -0.92
CA ILE B 521 -2.42 19.44 -0.34
C ILE B 521 -1.40 19.46 -1.48
N SER B 522 -0.44 20.36 -1.39
CA SER B 522 0.55 20.55 -2.44
C SER B 522 1.95 20.58 -1.83
N ILE B 523 2.96 20.57 -2.71
CA ILE B 523 4.36 20.53 -2.32
C ILE B 523 4.98 21.88 -2.62
N MET B 524 5.66 22.46 -1.63
CA MET B 524 6.35 23.73 -1.78
C MET B 524 7.84 23.50 -1.61
N ILE B 525 8.62 23.94 -2.60
CA ILE B 525 10.07 23.78 -2.59
C ILE B 525 10.71 25.13 -2.93
N LYS B 526 11.98 25.25 -2.56
CA LYS B 526 12.75 26.44 -2.89
C LYS B 526 13.15 26.41 -4.35
N LYS B 527 12.97 27.53 -5.04
CA LYS B 527 13.37 27.62 -6.44
C LYS B 527 14.52 28.61 -6.61
N PRO B 653 14.03 17.09 -12.41
CA PRO B 653 13.93 17.16 -10.95
C PRO B 653 12.64 16.53 -10.42
N ILE B 654 12.06 17.15 -9.41
CA ILE B 654 10.82 16.65 -8.82
C ILE B 654 9.64 17.25 -9.57
N GLU B 655 8.74 16.38 -10.04
CA GLU B 655 7.56 16.80 -10.78
C GLU B 655 6.25 16.35 -10.15
N SER B 656 6.29 15.53 -9.11
CA SER B 656 5.09 14.97 -8.52
C SER B 656 5.41 14.48 -7.11
N ALA B 657 4.41 13.89 -6.46
CA ALA B 657 4.57 13.42 -5.09
C ALA B 657 5.35 12.12 -5.01
N GLU B 658 5.20 11.24 -6.00
CA GLU B 658 5.93 9.98 -5.98
C GLU B 658 7.43 10.20 -6.14
N ASP B 659 7.82 11.24 -6.89
CA ASP B 659 9.24 11.59 -6.95
C ASP B 659 9.77 11.98 -5.59
N LEU B 660 8.97 12.72 -4.82
CA LEU B 660 9.36 13.04 -3.44
C LEU B 660 9.46 11.77 -2.60
N SER B 661 8.50 10.85 -2.76
CA SER B 661 8.46 9.66 -1.92
C SER B 661 9.63 8.73 -2.21
N LYS B 662 10.02 8.61 -3.48
CA LYS B 662 11.09 7.68 -3.85
C LYS B 662 12.41 8.06 -3.20
N GLN B 663 12.92 9.24 -3.53
CA GLN B 663 14.22 9.67 -3.02
C GLN B 663 14.12 10.05 -1.55
N THR B 664 15.28 10.15 -0.90
CA THR B 664 15.38 10.61 0.47
C THR B 664 16.35 11.77 0.62
N GLU B 665 16.91 12.28 -0.47
CA GLU B 665 17.84 13.41 -0.39
C GLU B 665 17.14 14.66 0.15
N ILE B 666 15.94 14.94 -0.36
CA ILE B 666 15.18 16.10 0.09
C ILE B 666 14.21 15.66 1.18
N ALA B 667 14.24 16.34 2.31
CA ALA B 667 13.30 16.07 3.39
C ALA B 667 11.99 16.80 3.14
N TYR B 668 10.92 16.30 3.77
CA TYR B 668 9.61 16.93 3.68
C TYR B 668 8.81 16.62 4.92
N GLY B 669 8.00 17.58 5.35
CA GLY B 669 7.19 17.43 6.54
C GLY B 669 6.02 18.39 6.55
N THR B 670 4.95 17.97 7.21
CA THR B 670 3.74 18.77 7.33
C THR B 670 3.79 19.59 8.62
N LEU B 671 2.64 20.15 9.00
CA LEU B 671 2.51 20.86 10.27
C LEU B 671 2.49 19.87 11.43
N ASP B 672 2.62 20.41 12.65
CA ASP B 672 2.51 19.60 13.85
C ASP B 672 1.11 19.05 14.06
N SER B 673 0.09 19.69 13.48
CA SER B 673 -1.28 19.24 13.57
C SER B 673 -2.07 19.85 12.43
N GLY B 674 -3.31 19.39 12.26
CA GLY B 674 -4.18 19.89 11.22
C GLY B 674 -4.60 18.80 10.26
N SER B 675 -5.33 19.23 9.22
CA SER B 675 -5.94 18.28 8.30
C SER B 675 -4.90 17.50 7.51
N THR B 676 -3.76 18.11 7.20
CA THR B 676 -2.73 17.43 6.42
C THR B 676 -2.16 16.24 7.18
N LYS B 677 -1.89 16.41 8.47
CA LYS B 677 -1.38 15.32 9.29
C LYS B 677 -2.38 14.17 9.36
N GLU B 678 -3.66 14.49 9.58
CA GLU B 678 -4.67 13.44 9.64
C GLU B 678 -4.79 12.72 8.29
N PHE B 679 -4.73 13.48 7.20
CA PHE B 679 -4.83 12.86 5.88
C PHE B 679 -3.67 11.90 5.64
N PHE B 680 -2.46 12.30 6.03
CA PHE B 680 -1.31 11.41 5.84
C PHE B 680 -1.38 10.23 6.79
N ARG B 681 -1.98 10.41 7.96
CA ARG B 681 -2.11 9.31 8.92
C ARG B 681 -3.06 8.22 8.41
N ARG B 682 -4.25 8.62 7.95
CA ARG B 682 -5.26 7.65 7.57
C ARG B 682 -5.07 7.12 6.16
N SER B 683 -4.13 7.67 5.39
CA SER B 683 -4.01 7.29 3.98
C SER B 683 -3.52 5.86 3.84
N LYS B 684 -4.29 5.06 3.11
CA LYS B 684 -3.93 3.67 2.84
C LYS B 684 -3.17 3.50 1.54
N ILE B 685 -2.94 4.58 0.80
CA ILE B 685 -2.16 4.51 -0.43
C ILE B 685 -0.70 4.29 -0.08
N ALA B 686 0.00 3.52 -0.92
CA ALA B 686 1.40 3.20 -0.64
C ALA B 686 2.26 4.45 -0.60
N VAL B 687 2.04 5.38 -1.54
CA VAL B 687 2.86 6.58 -1.62
C VAL B 687 2.69 7.43 -0.36
N PHE B 688 1.44 7.71 0.01
CA PHE B 688 1.21 8.58 1.15
C PHE B 688 1.56 7.86 2.46
N ASP B 689 1.34 6.55 2.52
CA ASP B 689 1.74 5.80 3.71
C ASP B 689 3.25 5.82 3.87
N LYS B 690 4.01 5.72 2.79
CA LYS B 690 5.46 5.77 2.92
C LYS B 690 5.95 7.17 3.25
N MET B 691 5.29 8.23 2.75
CA MET B 691 5.63 9.56 3.23
C MET B 691 5.37 9.70 4.72
N TRP B 692 4.24 9.17 5.19
CA TRP B 692 3.94 9.24 6.62
C TRP B 692 4.97 8.46 7.43
N THR B 693 5.40 7.30 6.91
CA THR B 693 6.44 6.52 7.56
C THR B 693 7.74 7.30 7.64
N TYR B 694 8.11 7.99 6.55
CA TYR B 694 9.32 8.81 6.57
C TYR B 694 9.18 9.95 7.58
N MET B 695 7.99 10.55 7.68
CA MET B 695 7.82 11.69 8.55
C MET B 695 7.88 11.30 10.03
N ARG B 696 7.17 10.24 10.42
CA ARG B 696 7.13 9.91 11.84
C ARG B 696 8.50 9.49 12.35
N SER B 697 9.26 8.75 11.55
CA SER B 697 10.60 8.29 11.90
C SER B 697 11.59 9.11 11.08
N ALA B 698 11.98 10.27 11.61
CA ALA B 698 12.93 11.14 10.94
C ALA B 698 13.70 11.94 11.98
N GLU B 699 15.01 12.02 11.80
CA GLU B 699 15.88 12.80 12.68
C GLU B 699 16.72 13.72 11.81
N PRO B 700 16.62 15.05 11.98
CA PRO B 700 15.79 15.76 12.96
C PRO B 700 14.32 15.77 12.57
N SER B 701 13.43 16.25 13.46
CA SER B 701 12.01 16.21 13.17
C SER B 701 11.68 17.15 12.02
N VAL B 702 10.94 16.61 11.03
CA VAL B 702 10.52 17.41 9.89
C VAL B 702 9.23 18.18 10.13
N PHE B 703 8.50 17.84 11.19
CA PHE B 703 7.25 18.52 11.50
C PHE B 703 7.54 19.96 11.93
N VAL B 704 6.57 20.83 11.69
CA VAL B 704 6.72 22.27 11.88
C VAL B 704 5.65 22.76 12.84
N ARG B 705 6.02 23.74 13.67
CA ARG B 705 5.09 24.31 14.63
C ARG B 705 4.02 25.16 13.94
N THR B 706 4.45 26.04 13.03
CA THR B 706 3.54 26.94 12.33
C THR B 706 3.94 27.03 10.87
N THR B 707 2.95 27.40 10.03
CA THR B 707 3.20 27.46 8.59
C THR B 707 4.23 28.52 8.23
N ALA B 708 4.29 29.62 8.99
CA ALA B 708 5.33 30.62 8.76
C ALA B 708 6.70 30.02 9.00
N GLU B 709 6.86 29.24 10.07
CA GLU B 709 8.15 28.59 10.30
C GLU B 709 8.43 27.54 9.22
N GLY B 710 7.40 26.91 8.68
CA GLY B 710 7.61 25.98 7.57
C GLY B 710 8.14 26.66 6.33
N VAL B 711 7.54 27.79 5.94
CA VAL B 711 8.04 28.49 4.77
C VAL B 711 9.42 29.07 5.05
N ALA B 712 9.70 29.51 6.27
CA ALA B 712 11.04 29.97 6.61
C ALA B 712 12.06 28.85 6.50
N ARG B 713 11.70 27.64 6.96
CA ARG B 713 12.61 26.51 6.84
C ARG B 713 12.84 26.14 5.38
N VAL B 714 11.80 26.22 4.55
CA VAL B 714 11.98 25.97 3.13
C VAL B 714 12.92 26.99 2.52
N ARG B 715 12.75 28.26 2.88
CA ARG B 715 13.61 29.31 2.33
C ARG B 715 15.06 29.11 2.76
N LYS B 716 15.29 28.76 4.03
CA LYS B 716 16.65 28.61 4.54
C LYS B 716 17.29 27.28 4.18
N SER B 717 16.50 26.31 3.72
CA SER B 717 17.00 24.97 3.47
C SER B 717 17.70 24.83 2.12
N LYS B 718 17.67 25.87 1.29
CA LYS B 718 18.30 25.91 -0.04
C LYS B 718 18.13 24.60 -0.80
N GLY B 719 16.88 24.19 -0.94
CA GLY B 719 16.54 23.04 -1.76
C GLY B 719 16.67 21.70 -1.07
N LYS B 720 16.88 21.67 0.24
CA LYS B 720 17.03 20.41 0.96
C LYS B 720 15.75 19.96 1.66
N TYR B 721 14.84 20.87 1.94
CA TYR B 721 13.60 20.55 2.65
C TYR B 721 12.40 21.04 1.86
N ALA B 722 11.33 20.25 1.86
CA ALA B 722 10.09 20.58 1.21
C ALA B 722 8.96 20.67 2.24
N TYR B 723 7.95 21.47 1.94
CA TYR B 723 6.83 21.71 2.84
C TYR B 723 5.53 21.30 2.17
N LEU B 724 4.66 20.65 2.93
CA LEU B 724 3.34 20.23 2.46
C LEU B 724 2.28 21.10 3.13
N LEU B 725 1.45 21.75 2.32
CA LEU B 725 0.46 22.69 2.84
C LEU B 725 -0.65 22.83 1.81
N GLU B 726 -1.61 23.70 2.12
CA GLU B 726 -2.74 23.93 1.22
C GLU B 726 -2.27 24.61 -0.06
N SER B 727 -2.89 24.23 -1.17
CA SER B 727 -2.45 24.73 -2.48
C SER B 727 -2.65 26.23 -2.60
N THR B 728 -3.76 26.76 -2.06
CA THR B 728 -4.03 28.19 -2.17
C THR B 728 -2.94 29.01 -1.48
N MET B 729 -2.58 28.62 -0.26
CA MET B 729 -1.49 29.29 0.44
C MET B 729 -0.17 29.10 -0.27
N ASN B 730 0.04 27.94 -0.88
CA ASN B 730 1.27 27.71 -1.65
C ASN B 730 1.39 28.71 -2.79
N GLU B 731 0.33 28.86 -3.58
CA GLU B 731 0.36 29.82 -4.69
C GLU B 731 0.52 31.25 -4.17
N TYR B 732 -0.19 31.59 -3.08
CA TYR B 732 -0.08 32.94 -2.54
C TYR B 732 1.36 33.25 -2.13
N ILE B 733 2.00 32.34 -1.40
CA ILE B 733 3.37 32.56 -0.99
C ILE B 733 4.30 32.60 -2.20
N GLU B 734 3.99 31.80 -3.22
CA GLU B 734 4.79 31.83 -4.44
C GLU B 734 4.74 33.19 -5.11
N GLN B 735 3.60 33.88 -5.02
CA GLN B 735 3.45 35.17 -5.66
C GLN B 735 3.89 36.34 -4.78
N ARG B 736 4.52 36.08 -3.65
CA ARG B 736 5.01 37.14 -2.77
C ARG B 736 6.54 37.16 -2.75
N LYS B 737 7.09 38.32 -2.43
CA LYS B 737 8.53 38.47 -2.33
C LYS B 737 9.05 37.69 -1.13
N PRO B 738 10.30 37.20 -1.19
CA PRO B 738 11.32 37.38 -2.24
C PRO B 738 11.20 36.42 -3.41
N CYS B 739 10.07 35.74 -3.57
CA CYS B 739 9.80 34.88 -4.72
C CYS B 739 10.84 33.78 -4.87
N ASP B 740 11.27 33.20 -3.75
CA ASP B 740 12.23 32.11 -3.75
C ASP B 740 11.59 30.74 -3.61
N THR B 741 10.26 30.66 -3.57
CA THR B 741 9.55 29.40 -3.45
C THR B 741 8.72 29.15 -4.70
N MET B 742 8.36 27.89 -4.90
CA MET B 742 7.52 27.53 -6.03
C MET B 742 6.64 26.35 -5.65
N LYS B 743 5.51 26.23 -6.35
CA LYS B 743 4.59 25.11 -6.19
C LYS B 743 4.89 24.09 -7.28
N VAL B 744 5.06 22.83 -6.88
CA VAL B 744 5.43 21.78 -7.80
C VAL B 744 4.43 20.65 -7.72
N GLY B 745 4.30 19.90 -8.81
CA GLY B 745 3.37 18.79 -8.85
C GLY B 745 1.92 19.24 -8.86
N GLY B 746 1.05 18.32 -8.43
CA GLY B 746 -0.36 18.58 -8.33
C GLY B 746 -0.87 18.34 -6.92
N ASN B 747 -2.17 18.59 -6.75
CA ASN B 747 -2.79 18.41 -5.45
C ASN B 747 -2.83 16.93 -5.07
N LEU B 748 -2.66 16.66 -3.78
CA LEU B 748 -2.73 15.28 -3.28
C LEU B 748 -4.15 14.88 -2.92
N ASP B 749 -4.89 15.74 -2.26
CA ASP B 749 -6.30 15.52 -1.93
C ASP B 749 -7.16 16.62 -2.55
N SER B 750 -8.44 16.62 -2.21
CA SER B 750 -9.39 17.59 -2.76
C SER B 750 -10.29 18.09 -1.64
N LYS B 751 -10.20 19.38 -1.35
CA LYS B 751 -11.07 20.02 -0.37
C LYS B 751 -11.73 21.26 -0.96
N GLY B 752 -12.44 22.03 -0.15
CA GLY B 752 -13.12 23.20 -0.64
C GLY B 752 -13.45 24.17 0.47
N TYR B 753 -13.54 25.44 0.12
CA TYR B 753 -14.00 26.49 1.04
C TYR B 753 -15.43 26.83 0.71
N GLY B 754 -16.27 26.91 1.73
CA GLY B 754 -17.68 27.20 1.54
C GLY B 754 -18.15 28.32 2.45
N ILE B 755 -19.26 28.93 2.05
CA ILE B 755 -19.93 29.93 2.88
C ILE B 755 -20.79 29.20 3.90
N ALA B 756 -20.62 29.53 5.16
CA ALA B 756 -21.30 28.85 6.25
C ALA B 756 -22.46 29.69 6.77
N THR B 757 -23.56 29.02 7.09
CA THR B 757 -24.78 29.63 7.60
C THR B 757 -25.28 28.78 8.74
N PRO B 758 -25.91 29.38 9.76
CA PRO B 758 -26.52 28.58 10.82
C PRO B 758 -27.54 27.60 10.27
N LYS B 759 -27.57 26.40 10.86
CA LYS B 759 -28.49 25.37 10.41
C LYS B 759 -29.93 25.82 10.57
N GLY B 760 -30.73 25.60 9.53
CA GLY B 760 -32.11 26.04 9.54
C GLY B 760 -32.25 27.54 9.48
N SER B 761 -31.74 28.15 8.41
CA SER B 761 -31.75 29.59 8.25
C SER B 761 -32.26 29.95 6.87
N SER B 762 -32.85 31.14 6.77
CA SER B 762 -33.43 31.60 5.51
C SER B 762 -32.39 32.05 4.50
N LEU B 763 -31.12 32.18 4.90
CA LEU B 763 -30.07 32.62 4.00
C LEU B 763 -29.39 31.49 3.24
N GLY B 764 -29.68 30.24 3.59
CA GLY B 764 -28.97 29.11 3.01
C GLY B 764 -29.09 28.96 1.52
N THR B 765 -30.31 28.68 1.04
CA THR B 765 -30.51 28.51 -0.39
C THR B 765 -30.19 29.75 -1.22
N PRO B 766 -30.57 30.98 -0.83
CA PRO B 766 -30.15 32.14 -1.63
C PRO B 766 -28.64 32.30 -1.72
N VAL B 767 -27.92 32.01 -0.63
CA VAL B 767 -26.46 32.12 -0.66
C VAL B 767 -25.86 31.05 -1.56
N ASN B 768 -26.40 29.83 -1.49
CA ASN B 768 -25.92 28.77 -2.38
C ASN B 768 -26.16 29.12 -3.84
N LEU B 769 -27.34 29.66 -4.15
CA LEU B 769 -27.65 30.05 -5.52
C LEU B 769 -26.74 31.19 -5.98
N ALA B 770 -26.46 32.14 -5.08
CA ALA B 770 -25.54 33.23 -5.42
C ALA B 770 -24.14 32.69 -5.71
N VAL B 771 -23.67 31.73 -4.92
CA VAL B 771 -22.36 31.17 -5.14
C VAL B 771 -22.31 30.47 -6.50
N LEU B 772 -23.35 29.70 -6.82
CA LEU B 772 -23.38 29.03 -8.12
C LEU B 772 -23.42 30.04 -9.27
N LYS B 773 -24.22 31.10 -9.12
CA LYS B 773 -24.32 32.10 -10.18
C LYS B 773 -22.99 32.82 -10.38
N LEU B 774 -22.30 33.16 -9.29
CA LEU B 774 -21.00 33.80 -9.41
C LEU B 774 -19.96 32.86 -10.00
N SER B 775 -20.05 31.57 -9.69
CA SER B 775 -19.14 30.60 -10.28
C SER B 775 -19.35 30.50 -11.79
N GLU B 776 -20.60 30.45 -12.23
CA GLU B 776 -20.90 30.29 -13.64
C GLU B 776 -20.72 31.57 -14.45
N GLN B 777 -20.57 32.71 -13.79
CA GLN B 777 -20.35 33.98 -14.47
C GLN B 777 -18.88 34.39 -14.51
N GLY B 778 -17.99 33.60 -13.91
CA GLY B 778 -16.58 33.92 -13.90
C GLY B 778 -16.15 34.93 -12.86
N VAL B 779 -17.06 35.37 -11.99
CA VAL B 779 -16.71 36.36 -10.97
C VAL B 779 -15.71 35.79 -9.97
N LEU B 780 -15.93 34.54 -9.54
CA LEU B 780 -15.00 33.91 -8.61
C LEU B 780 -13.63 33.71 -9.24
N ASP B 781 -13.59 33.36 -10.53
CA ASP B 781 -12.32 33.28 -11.24
C ASP B 781 -11.63 34.65 -11.29
N LYS B 782 -12.40 35.70 -11.57
CA LYS B 782 -11.83 37.05 -11.63
C LYS B 782 -11.28 37.48 -10.29
N LEU B 783 -12.00 37.20 -9.20
CA LEU B 783 -11.52 37.58 -7.87
C LEU B 783 -10.30 36.78 -7.46
N LYS B 784 -10.23 35.51 -7.86
CA LYS B 784 -9.05 34.71 -7.58
C LYS B 784 -7.81 35.30 -8.25
N ASN B 785 -7.94 35.69 -9.52
CA ASN B 785 -6.82 36.26 -10.24
CA ASN B 785 -6.81 36.26 -10.24
C ASN B 785 -6.42 37.61 -9.66
N LYS B 786 -7.40 38.43 -9.27
CA LYS B 786 -7.10 39.77 -8.79
C LYS B 786 -6.24 39.76 -7.54
N TRP B 787 -6.55 38.88 -6.59
CA TRP B 787 -5.86 38.88 -5.31
C TRP B 787 -4.69 37.91 -5.24
N TRP B 788 -4.49 37.07 -6.25
CA TRP B 788 -3.38 36.13 -6.29
C TRP B 788 -2.31 36.51 -7.30
N TYR B 789 -2.69 37.04 -8.44
CA TYR B 789 -1.74 37.31 -9.52
C TYR B 789 -1.68 38.78 -9.93
N ASP B 790 -2.83 39.45 -10.06
CA ASP B 790 -2.82 40.86 -10.40
C ASP B 790 -2.13 41.70 -9.33
N LYS B 791 -2.20 41.26 -8.08
CA LYS B 791 -1.57 41.95 -6.96
C LYS B 791 -0.32 41.24 -6.47
N GLY B 792 0.24 40.35 -7.28
CA GLY B 792 1.45 39.65 -6.89
C GLY B 792 2.68 40.54 -6.97
N GLU B 793 3.74 40.10 -6.29
CA GLU B 793 4.99 40.82 -6.24
C GLU B 793 6.10 40.13 -7.03
N CYS B 794 5.76 39.16 -7.86
CA CYS B 794 6.76 38.45 -8.65
C CYS B 794 6.44 38.54 -10.14
N LYS C 414 6.47 -54.04 13.32
CA LYS C 414 5.50 -53.70 12.29
C LYS C 414 6.12 -52.81 11.22
N THR C 415 5.78 -53.07 9.96
CA THR C 415 6.29 -52.27 8.86
C THR C 415 5.55 -50.94 8.79
N VAL C 416 6.31 -49.85 8.71
CA VAL C 416 5.75 -48.51 8.68
C VAL C 416 5.44 -48.14 7.23
N VAL C 417 4.17 -47.82 6.96
CA VAL C 417 3.76 -47.42 5.62
C VAL C 417 4.06 -45.94 5.42
N VAL C 418 4.80 -45.62 4.37
CA VAL C 418 5.17 -44.25 4.05
C VAL C 418 4.46 -43.87 2.76
N THR C 419 3.62 -42.84 2.83
CA THR C 419 2.95 -42.32 1.65
C THR C 419 3.78 -41.20 1.05
N THR C 420 3.83 -41.17 -0.28
CA THR C 420 4.65 -40.19 -0.98
C THR C 420 4.01 -39.87 -2.32
N ILE C 421 4.45 -38.76 -2.92
CA ILE C 421 3.96 -38.32 -4.22
C ILE C 421 5.13 -38.33 -5.20
N LEU C 422 4.82 -38.58 -6.47
CA LEU C 422 5.83 -38.62 -7.52
C LEU C 422 6.10 -37.19 -7.99
N GLU C 423 7.17 -36.59 -7.47
CA GLU C 423 7.57 -35.24 -7.85
C GLU C 423 9.09 -35.17 -7.91
N SER C 424 9.61 -34.81 -9.07
CA SER C 424 11.05 -34.69 -9.25
C SER C 424 11.57 -33.43 -8.56
N PRO C 425 12.71 -33.50 -7.89
CA PRO C 425 13.58 -34.67 -7.68
C PRO C 425 13.32 -35.40 -6.37
N TYR C 426 12.19 -35.11 -5.71
CA TYR C 426 11.95 -35.68 -4.39
C TYR C 426 11.77 -37.19 -4.47
N VAL C 427 10.90 -37.65 -5.36
CA VAL C 427 10.72 -39.08 -5.61
C VAL C 427 10.58 -39.27 -7.12
N MET C 428 11.48 -40.05 -7.71
CA MET C 428 11.44 -40.35 -9.13
C MET C 428 11.55 -41.85 -9.33
N MET C 429 10.94 -42.33 -10.40
CA MET C 429 10.88 -43.76 -10.66
C MET C 429 12.18 -44.18 -11.34
N LYS C 430 12.80 -45.25 -10.85
CA LYS C 430 14.08 -45.66 -11.38
C LYS C 430 13.96 -46.12 -12.83
N LYS C 431 15.04 -45.95 -13.58
CA LYS C 431 15.03 -46.25 -15.01
C LYS C 431 14.76 -47.73 -15.27
N ASN C 432 15.43 -48.61 -14.53
CA ASN C 432 15.25 -50.05 -14.67
C ASN C 432 14.31 -50.62 -13.61
N HIS C 433 13.30 -49.84 -13.23
CA HIS C 433 12.39 -50.25 -12.16
C HIS C 433 11.48 -51.39 -12.56
N GLU C 434 11.38 -51.71 -13.85
CA GLU C 434 10.52 -52.82 -14.27
C GLU C 434 11.00 -54.14 -13.67
N MET C 435 12.32 -54.34 -13.63
CA MET C 435 12.90 -55.52 -13.02
C MET C 435 13.16 -55.35 -11.53
N LEU C 436 12.85 -54.19 -10.96
CA LEU C 436 13.04 -53.95 -9.54
C LEU C 436 11.72 -54.09 -8.78
N GLU C 437 11.84 -54.25 -7.46
CA GLU C 437 10.69 -54.47 -6.61
C GLU C 437 10.91 -53.79 -5.27
N GLY C 438 9.81 -53.54 -4.56
CA GLY C 438 9.89 -52.95 -3.24
C GLY C 438 10.36 -51.51 -3.28
N ASN C 439 11.07 -51.11 -2.22
CA ASN C 439 11.60 -49.76 -2.11
C ASN C 439 12.74 -49.49 -3.08
N GLU C 440 13.28 -50.52 -3.73
CA GLU C 440 14.36 -50.32 -4.69
C GLU C 440 13.88 -49.74 -6.01
N ARG C 441 12.57 -49.62 -6.20
CA ARG C 441 12.04 -49.03 -7.43
C ARG C 441 12.15 -47.52 -7.48
N TYR C 442 12.30 -46.86 -6.33
CA TYR C 442 12.26 -45.41 -6.24
C TYR C 442 13.62 -44.84 -5.86
N GLU C 443 13.82 -43.58 -6.25
CA GLU C 443 15.01 -42.83 -5.88
C GLU C 443 14.65 -41.35 -5.83
N GLY C 444 15.42 -40.60 -5.06
CA GLY C 444 15.21 -39.17 -4.99
C GLY C 444 15.61 -38.64 -3.62
N TYR C 445 15.40 -37.32 -3.46
CA TYR C 445 15.72 -36.67 -2.20
C TYR C 445 14.88 -37.24 -1.06
N CYS C 446 13.59 -37.45 -1.30
CA CYS C 446 12.71 -37.95 -0.25
C CYS C 446 13.00 -39.41 0.08
N VAL C 447 13.45 -40.19 -0.91
CA VAL C 447 13.81 -41.58 -0.63
C VAL C 447 15.02 -41.63 0.31
N ASP C 448 16.02 -40.79 0.04
CA ASP C 448 17.18 -40.73 0.93
C ASP C 448 16.80 -40.19 2.30
N LEU C 449 15.90 -39.21 2.34
CA LEU C 449 15.42 -38.70 3.63
C LEU C 449 14.71 -39.79 4.42
N ALA C 450 13.87 -40.59 3.74
CA ALA C 450 13.18 -41.69 4.41
C ALA C 450 14.17 -42.72 4.93
N ALA C 451 15.20 -43.03 4.15
CA ALA C 451 16.23 -43.95 4.61
C ALA C 451 16.92 -43.41 5.86
N GLU C 452 17.26 -42.12 5.88
CA GLU C 452 17.92 -41.54 7.03
C GLU C 452 17.01 -41.55 8.26
N ILE C 453 15.74 -41.21 8.07
CA ILE C 453 14.80 -41.20 9.21
C ILE C 453 14.64 -42.61 9.76
N ALA C 454 14.50 -43.61 8.87
CA ALA C 454 14.35 -44.98 9.33
C ALA C 454 15.60 -45.46 10.05
N LYS C 455 16.77 -45.08 9.57
CA LYS C 455 18.01 -45.44 10.26
C LYS C 455 18.07 -44.81 11.64
N HIS C 456 17.65 -43.54 11.75
CA HIS C 456 17.68 -42.87 13.04
C HIS C 456 16.71 -43.51 14.03
N CYS C 457 15.47 -43.74 13.61
CA CYS C 457 14.45 -44.28 14.50
C CYS C 457 14.44 -45.81 14.56
N GLY C 458 15.13 -46.49 13.64
CA GLY C 458 15.22 -47.93 13.68
C GLY C 458 13.91 -48.65 13.40
N PHE C 459 13.39 -48.53 12.19
CA PHE C 459 12.18 -49.25 11.82
C PHE C 459 12.25 -49.63 10.35
N LYS C 460 11.44 -50.63 9.98
CA LYS C 460 11.31 -51.05 8.60
C LYS C 460 10.11 -50.36 7.96
N TYR C 461 10.31 -49.88 6.73
CA TYR C 461 9.30 -49.09 6.05
C TYR C 461 9.12 -49.59 4.62
N LYS C 462 7.94 -49.29 4.07
CA LYS C 462 7.60 -49.66 2.69
C LYS C 462 7.05 -48.42 2.00
N LEU C 463 7.77 -47.92 1.00
CA LEU C 463 7.37 -46.71 0.30
C LEU C 463 6.18 -46.98 -0.62
N THR C 464 5.13 -46.19 -0.47
CA THR C 464 3.94 -46.28 -1.32
C THR C 464 3.64 -44.91 -1.90
N ILE C 465 3.17 -44.90 -3.13
CA ILE C 465 2.78 -43.66 -3.81
C ILE C 465 1.29 -43.44 -3.61
N VAL C 466 0.92 -42.20 -3.26
CA VAL C 466 -0.47 -41.89 -2.99
C VAL C 466 -1.31 -42.10 -4.24
N GLY C 467 -2.49 -42.70 -4.05
CA GLY C 467 -3.27 -43.17 -5.20
C GLY C 467 -3.74 -42.04 -6.10
N ASP C 468 -4.27 -40.97 -5.51
CA ASP C 468 -4.81 -39.89 -6.32
C ASP C 468 -3.77 -38.88 -6.76
N GLY C 469 -2.52 -39.00 -6.28
CA GLY C 469 -1.46 -38.11 -6.71
C GLY C 469 -1.68 -36.66 -6.33
N LYS C 470 -2.21 -36.41 -5.14
CA LYS C 470 -2.45 -35.06 -4.65
C LYS C 470 -1.79 -34.88 -3.29
N TYR C 471 -1.42 -33.63 -2.99
CA TYR C 471 -0.76 -33.36 -1.72
C TYR C 471 -1.75 -33.41 -0.56
N GLY C 472 -2.94 -32.86 -0.75
CA GLY C 472 -3.96 -32.92 0.28
C GLY C 472 -4.71 -31.63 0.50
N ALA C 473 -6.04 -31.70 0.44
CA ALA C 473 -6.89 -30.55 0.68
C ALA C 473 -8.23 -31.04 1.19
N ARG C 474 -8.96 -30.15 1.86
CA ARG C 474 -10.28 -30.45 2.39
C ARG C 474 -11.32 -29.78 1.50
N ASP C 475 -12.18 -30.60 0.90
CA ASP C 475 -13.22 -30.07 0.03
C ASP C 475 -14.29 -29.33 0.84
N ALA C 476 -14.77 -28.22 0.29
CA ALA C 476 -15.78 -27.43 0.96
C ALA C 476 -17.16 -28.07 0.95
N ASP C 477 -17.33 -29.16 0.21
CA ASP C 477 -18.64 -29.80 0.07
C ASP C 477 -18.84 -30.95 1.05
N THR C 478 -17.80 -31.74 1.32
CA THR C 478 -17.93 -32.93 2.15
C THR C 478 -17.03 -32.95 3.37
N LYS C 479 -16.18 -31.94 3.55
CA LYS C 479 -15.20 -31.91 4.64
C LYS C 479 -14.34 -33.16 4.66
N ILE C 480 -13.91 -33.60 3.48
CA ILE C 480 -13.15 -34.84 3.32
C ILE C 480 -11.76 -34.48 2.80
N TRP C 481 -10.73 -35.00 3.47
CA TRP C 481 -9.36 -34.79 3.04
C TRP C 481 -8.97 -35.82 1.98
N ASN C 482 -8.23 -35.37 0.97
CA ASN C 482 -7.69 -36.25 -0.05
C ASN C 482 -6.17 -36.22 0.01
N GLY C 483 -5.54 -36.99 -0.88
CA GLY C 483 -4.10 -37.00 -0.95
C GLY C 483 -3.42 -37.62 0.26
N MET C 484 -2.19 -37.19 0.48
CA MET C 484 -1.39 -37.74 1.58
C MET C 484 -1.98 -37.35 2.93
N VAL C 485 -2.51 -36.13 3.05
CA VAL C 485 -3.16 -35.73 4.29
C VAL C 485 -4.38 -36.62 4.56
N GLY C 486 -5.15 -36.91 3.50
CA GLY C 486 -6.27 -37.82 3.66
C GLY C 486 -5.84 -39.22 4.07
N GLU C 487 -4.75 -39.72 3.49
CA GLU C 487 -4.24 -41.02 3.90
C GLU C 487 -3.77 -41.02 5.35
N LEU C 488 -3.22 -39.90 5.81
CA LEU C 488 -2.74 -39.83 7.19
C LEU C 488 -3.89 -39.77 8.18
N VAL C 489 -4.88 -38.91 7.92
CA VAL C 489 -5.96 -38.73 8.89
C VAL C 489 -6.82 -39.99 8.98
N TYR C 490 -7.02 -40.70 7.87
CA TYR C 490 -7.93 -41.83 7.81
C TYR C 490 -7.24 -43.17 8.05
N GLY C 491 -6.02 -43.16 8.59
CA GLY C 491 -5.36 -44.38 9.01
C GLY C 491 -4.71 -45.19 7.90
N LYS C 492 -4.72 -44.70 6.67
CA LYS C 492 -4.14 -45.47 5.57
C LYS C 492 -2.62 -45.56 5.68
N ALA C 493 -1.97 -44.48 6.13
CA ALA C 493 -0.52 -44.43 6.18
C ALA C 493 -0.07 -43.95 7.56
N ASP C 494 1.16 -44.32 7.92
CA ASP C 494 1.72 -43.97 9.21
C ASP C 494 2.58 -42.71 9.18
N ILE C 495 3.08 -42.30 8.02
CA ILE C 495 3.95 -41.13 7.93
C ILE C 495 4.01 -40.69 6.47
N ALA C 496 4.14 -39.39 6.25
CA ALA C 496 4.28 -38.82 4.92
C ALA C 496 5.62 -38.11 4.83
N ILE C 497 6.47 -38.57 3.93
CA ILE C 497 7.78 -37.97 3.70
C ILE C 497 7.77 -37.46 2.25
N ALA C 498 7.40 -36.20 2.08
CA ALA C 498 7.19 -35.64 0.76
C ALA C 498 7.28 -34.12 0.88
N PRO C 499 7.43 -33.41 -0.25
CA PRO C 499 7.42 -31.94 -0.18
C PRO C 499 6.04 -31.39 0.17
N LEU C 500 5.61 -31.64 1.41
CA LEU C 500 4.29 -31.24 1.89
C LEU C 500 4.43 -29.93 2.66
N THR C 501 3.80 -28.88 2.14
CA THR C 501 3.91 -27.56 2.77
C THR C 501 3.20 -27.54 4.12
N ILE C 502 3.82 -26.89 5.09
CA ILE C 502 3.26 -26.77 6.43
C ILE C 502 2.26 -25.60 6.41
N THR C 503 0.97 -25.92 6.54
CA THR C 503 -0.08 -24.93 6.55
C THR C 503 -0.95 -25.11 7.78
N LEU C 504 -1.65 -24.04 8.14
CA LEU C 504 -2.48 -24.06 9.35
C LEU C 504 -3.60 -25.08 9.24
N VAL C 505 -4.28 -25.13 8.09
CA VAL C 505 -5.39 -26.06 7.92
C VAL C 505 -4.90 -27.50 7.99
N ARG C 506 -3.69 -27.77 7.48
CA ARG C 506 -3.14 -29.11 7.60
C ARG C 506 -2.67 -29.39 9.03
N GLU C 507 -2.03 -28.40 9.67
CA GLU C 507 -1.56 -28.61 11.03
C GLU C 507 -2.69 -28.84 12.02
N GLU C 508 -3.89 -28.35 11.73
CA GLU C 508 -5.02 -28.61 12.61
C GLU C 508 -5.44 -30.08 12.61
N VAL C 509 -5.05 -30.85 11.60
CA VAL C 509 -5.50 -32.23 11.48
C VAL C 509 -4.37 -33.25 11.55
N ILE C 510 -3.11 -32.87 11.31
CA ILE C 510 -1.98 -33.79 11.41
C ILE C 510 -0.84 -33.08 12.13
N ASP C 511 0.17 -33.85 12.49
CA ASP C 511 1.36 -33.33 13.17
C ASP C 511 2.46 -33.09 12.14
N PHE C 512 3.01 -31.88 12.15
CA PHE C 512 4.10 -31.50 11.27
C PHE C 512 5.38 -31.39 12.07
N SER C 513 6.45 -31.99 11.56
CA SER C 513 7.76 -31.84 12.19
C SER C 513 8.36 -30.48 11.82
N LYS C 514 9.56 -30.22 12.31
CA LYS C 514 10.27 -29.03 11.90
C LYS C 514 10.55 -29.10 10.40
N PRO C 515 10.49 -27.98 9.68
CA PRO C 515 10.73 -28.01 8.24
C PRO C 515 12.13 -28.53 7.92
N PHE C 516 12.20 -29.41 6.93
CA PHE C 516 13.48 -29.88 6.44
C PHE C 516 13.92 -29.14 5.18
N MET C 517 13.07 -28.32 4.59
CA MET C 517 13.41 -27.52 3.42
C MET C 517 12.71 -26.18 3.51
N SER C 518 13.46 -25.10 3.34
CA SER C 518 12.91 -23.76 3.28
C SER C 518 12.77 -23.33 1.83
N LEU C 519 11.64 -22.69 1.51
CA LEU C 519 11.35 -22.29 0.14
C LEU C 519 10.56 -20.98 0.18
N GLY C 520 10.11 -20.56 -0.99
CA GLY C 520 9.35 -19.32 -1.10
C GLY C 520 8.96 -19.10 -2.54
N ILE C 521 8.29 -17.98 -2.78
CA ILE C 521 7.86 -17.60 -4.11
C ILE C 521 8.99 -16.83 -4.78
N SER C 522 9.36 -17.26 -5.99
CA SER C 522 10.49 -16.69 -6.71
C SER C 522 10.06 -16.36 -8.14
N ILE C 523 10.95 -15.67 -8.85
CA ILE C 523 10.70 -15.22 -10.21
C ILE C 523 11.59 -16.01 -11.16
N MET C 524 10.97 -16.56 -12.21
CA MET C 524 11.67 -17.32 -13.23
C MET C 524 11.54 -16.60 -14.56
N ILE C 525 12.68 -16.32 -15.20
CA ILE C 525 12.71 -15.63 -16.49
C ILE C 525 13.64 -16.39 -17.42
N LYS C 526 13.48 -16.15 -18.71
CA LYS C 526 14.39 -16.71 -19.70
C LYS C 526 15.76 -16.08 -19.55
N LYS C 527 16.80 -16.91 -19.56
CA LYS C 527 18.16 -16.43 -19.37
C LYS C 527 18.84 -16.15 -20.70
N PRO C 653 19.32 -5.02 -15.43
CA PRO C 653 18.18 -5.92 -15.68
C PRO C 653 17.16 -5.89 -14.56
N ILE C 654 16.52 -7.04 -14.32
CA ILE C 654 15.54 -7.20 -13.26
C ILE C 654 16.12 -8.15 -12.22
N GLU C 655 16.20 -7.69 -10.97
CA GLU C 655 16.79 -8.48 -9.90
C GLU C 655 15.92 -8.50 -8.65
N SER C 656 14.67 -8.06 -8.74
CA SER C 656 13.79 -8.03 -7.58
C SER C 656 12.35 -7.95 -8.07
N ALA C 657 11.42 -8.18 -7.15
CA ALA C 657 10.00 -8.10 -7.49
C ALA C 657 9.57 -6.67 -7.75
N GLU C 658 10.18 -5.69 -7.06
CA GLU C 658 9.82 -4.30 -7.30
C GLU C 658 10.26 -3.83 -8.68
N ASP C 659 11.36 -4.39 -9.21
CA ASP C 659 11.75 -4.10 -10.57
C ASP C 659 10.69 -4.59 -11.56
N LEU C 660 10.12 -5.76 -11.31
CA LEU C 660 9.00 -6.22 -12.12
C LEU C 660 7.79 -5.31 -11.97
N SER C 661 7.50 -4.88 -10.74
CA SER C 661 6.32 -4.07 -10.49
C SER C 661 6.41 -2.71 -11.19
N LYS C 662 7.60 -2.10 -11.17
CA LYS C 662 7.76 -0.77 -11.75
C LYS C 662 7.49 -0.78 -13.25
N GLN C 663 8.13 -1.69 -13.97
CA GLN C 663 7.96 -1.76 -15.42
C GLN C 663 6.71 -2.56 -15.78
N THR C 664 6.33 -2.47 -17.05
CA THR C 664 5.23 -3.26 -17.60
C THR C 664 5.58 -3.90 -18.94
N GLU C 665 6.80 -3.70 -19.45
CA GLU C 665 7.17 -4.33 -20.71
C GLU C 665 7.21 -5.84 -20.60
N ILE C 666 7.75 -6.35 -19.49
CA ILE C 666 7.80 -7.79 -19.24
C ILE C 666 6.58 -8.17 -18.43
N ALA C 667 5.78 -9.09 -18.96
CA ALA C 667 4.62 -9.58 -18.23
C ALA C 667 5.05 -10.71 -17.29
N TYR C 668 4.30 -10.85 -16.18
CA TYR C 668 4.55 -11.93 -15.25
C TYR C 668 3.22 -12.58 -14.89
N GLY C 669 3.28 -13.86 -14.53
CA GLY C 669 2.08 -14.63 -14.29
C GLY C 669 2.25 -15.57 -13.11
N THR C 670 1.14 -16.23 -12.77
CA THR C 670 1.06 -17.11 -11.62
C THR C 670 0.14 -18.27 -11.99
N LEU C 671 0.28 -19.38 -11.27
CA LEU C 671 -0.57 -20.54 -11.49
C LEU C 671 -2.04 -20.14 -11.41
N ASP C 672 -2.87 -20.92 -12.11
CA ASP C 672 -4.29 -20.59 -12.22
C ASP C 672 -4.99 -20.61 -10.88
N SER C 673 -4.69 -21.60 -10.04
CA SER C 673 -5.30 -21.71 -8.73
C SER C 673 -4.31 -22.43 -7.81
N GLY C 674 -3.79 -21.72 -6.82
CA GLY C 674 -2.84 -22.34 -5.92
C GLY C 674 -2.48 -21.41 -4.78
N SER C 675 -1.54 -21.88 -3.96
CA SER C 675 -1.13 -21.13 -2.78
C SER C 675 -0.50 -19.80 -3.17
N THR C 676 0.28 -19.77 -4.26
CA THR C 676 0.90 -18.52 -4.69
C THR C 676 -0.13 -17.51 -5.17
N LYS C 677 -1.13 -17.96 -5.93
CA LYS C 677 -2.20 -17.06 -6.35
C LYS C 677 -3.00 -16.56 -5.16
N GLU C 678 -3.25 -17.44 -4.18
CA GLU C 678 -3.94 -17.01 -2.97
C GLU C 678 -3.11 -15.97 -2.21
N PHE C 679 -1.80 -16.17 -2.14
CA PHE C 679 -0.93 -15.20 -1.48
C PHE C 679 -0.96 -13.86 -2.18
N PHE C 680 -0.95 -13.86 -3.50
CA PHE C 680 -0.96 -12.60 -4.24
C PHE C 680 -2.31 -11.90 -4.11
N ARG C 681 -3.42 -12.64 -4.13
CA ARG C 681 -4.73 -12.02 -3.96
C ARG C 681 -4.92 -11.48 -2.55
N ARG C 682 -4.60 -12.28 -1.55
CA ARG C 682 -4.76 -11.90 -0.15
C ARG C 682 -3.41 -11.42 0.37
N SER C 683 -3.19 -10.11 0.31
CA SER C 683 -1.94 -9.52 0.74
C SER C 683 -2.21 -8.12 1.30
N LYS C 684 -1.26 -7.65 2.11
CA LYS C 684 -1.34 -6.31 2.69
C LYS C 684 -0.37 -5.33 2.06
N ILE C 685 0.80 -5.78 1.61
CA ILE C 685 1.77 -4.88 1.00
C ILE C 685 1.25 -4.44 -0.37
N ALA C 686 1.27 -3.13 -0.61
CA ALA C 686 0.73 -2.59 -1.85
C ALA C 686 1.57 -2.96 -3.06
N VAL C 687 2.82 -3.39 -2.87
CA VAL C 687 3.61 -3.89 -4.00
C VAL C 687 2.98 -5.15 -4.56
N PHE C 688 2.72 -6.13 -3.68
CA PHE C 688 2.08 -7.37 -4.12
C PHE C 688 0.64 -7.12 -4.54
N ASP C 689 -0.04 -6.17 -3.91
CA ASP C 689 -1.38 -5.81 -4.33
C ASP C 689 -1.39 -5.25 -5.74
N LYS C 690 -0.40 -4.40 -6.06
CA LYS C 690 -0.29 -3.87 -7.41
C LYS C 690 0.03 -4.95 -8.42
N MET C 691 0.93 -5.88 -8.05
CA MET C 691 1.23 -7.00 -8.94
C MET C 691 -0.03 -7.82 -9.21
N TRP C 692 -0.79 -8.12 -8.16
CA TRP C 692 -2.02 -8.89 -8.32
C TRP C 692 -3.03 -8.14 -9.19
N THR C 693 -3.17 -6.83 -8.95
CA THR C 693 -4.11 -6.03 -9.74
C THR C 693 -3.73 -6.01 -11.21
N TYR C 694 -2.43 -5.90 -11.50
CA TYR C 694 -1.98 -5.99 -12.88
C TYR C 694 -2.31 -7.38 -13.45
N MET C 695 -2.12 -8.42 -12.65
CA MET C 695 -2.35 -9.78 -13.16
C MET C 695 -3.82 -10.03 -13.49
N ARG C 696 -4.74 -9.61 -12.61
CA ARG C 696 -6.15 -9.88 -12.90
C ARG C 696 -6.66 -9.06 -14.07
N SER C 697 -6.22 -7.81 -14.17
CA SER C 697 -6.61 -6.91 -15.26
C SER C 697 -5.49 -6.92 -16.29
N ALA C 698 -5.48 -7.95 -17.12
CA ALA C 698 -4.48 -8.09 -18.17
C ALA C 698 -5.03 -8.98 -19.27
N GLU C 699 -4.83 -8.54 -20.52
CA GLU C 699 -5.27 -9.29 -21.68
C GLU C 699 -4.07 -9.50 -22.60
N PRO C 700 -3.72 -10.75 -22.95
CA PRO C 700 -4.37 -12.01 -22.54
C PRO C 700 -4.04 -12.36 -21.09
N SER C 701 -4.75 -13.32 -20.50
CA SER C 701 -4.51 -13.67 -19.11
C SER C 701 -3.10 -14.21 -18.93
N VAL C 702 -2.41 -13.71 -17.90
CA VAL C 702 -1.05 -14.16 -17.62
C VAL C 702 -1.03 -15.47 -16.85
N PHE C 703 -2.14 -15.86 -16.24
CA PHE C 703 -2.19 -17.10 -15.49
C PHE C 703 -2.11 -18.30 -16.42
N VAL C 704 -1.59 -19.41 -15.88
CA VAL C 704 -1.37 -20.63 -16.66
C VAL C 704 -2.00 -21.81 -15.93
N ARG C 705 -2.33 -22.85 -16.70
CA ARG C 705 -3.00 -24.01 -16.13
C ARG C 705 -2.08 -24.77 -15.18
N THR C 706 -0.87 -25.09 -15.63
CA THR C 706 0.06 -25.89 -14.86
C THR C 706 1.45 -25.25 -14.89
N THR C 707 2.29 -25.66 -13.94
CA THR C 707 3.65 -25.15 -13.88
C THR C 707 4.45 -25.52 -15.12
N ALA C 708 4.17 -26.68 -15.71
CA ALA C 708 4.81 -27.05 -16.97
C ALA C 708 4.42 -26.08 -18.08
N GLU C 709 3.14 -25.72 -18.14
CA GLU C 709 2.71 -24.75 -19.15
C GLU C 709 3.34 -23.39 -18.90
N GLY C 710 3.49 -23.00 -17.64
CA GLY C 710 4.14 -21.74 -17.32
C GLY C 710 5.61 -21.71 -17.74
N VAL C 711 6.34 -22.78 -17.46
CA VAL C 711 7.74 -22.81 -17.86
C VAL C 711 7.86 -22.88 -19.39
N ALA C 712 6.92 -23.57 -20.06
CA ALA C 712 6.92 -23.57 -21.52
C ALA C 712 6.67 -22.18 -22.06
N ARG C 713 5.75 -21.43 -21.45
CA ARG C 713 5.50 -20.06 -21.88
C ARG C 713 6.72 -19.18 -21.66
N VAL C 714 7.42 -19.37 -20.54
CA VAL C 714 8.64 -18.61 -20.30
C VAL C 714 9.69 -18.92 -21.35
N ARG C 715 9.87 -20.20 -21.69
CA ARG C 715 10.85 -20.58 -22.68
C ARG C 715 10.50 -20.04 -24.07
N LYS C 716 9.22 -20.07 -24.42
CA LYS C 716 8.81 -19.62 -25.75
C LYS C 716 8.67 -18.10 -25.84
N SER C 717 8.66 -17.40 -24.72
CA SER C 717 8.42 -15.96 -24.72
C SER C 717 9.67 -15.13 -24.99
N LYS C 718 10.82 -15.78 -25.18
CA LYS C 718 12.11 -15.15 -25.47
C LYS C 718 12.38 -13.88 -24.65
N GLY C 719 12.04 -13.93 -23.37
CA GLY C 719 12.35 -12.83 -22.47
C GLY C 719 11.24 -11.83 -22.25
N LYS C 720 10.02 -12.12 -22.72
CA LYS C 720 8.92 -11.18 -22.57
C LYS C 720 7.99 -11.54 -21.41
N TYR C 721 8.01 -12.78 -20.94
CA TYR C 721 7.10 -13.24 -19.91
C TYR C 721 7.88 -13.88 -18.76
N ALA C 722 7.42 -13.62 -17.53
CA ALA C 722 8.02 -14.17 -16.33
C ALA C 722 7.00 -15.03 -15.60
N TYR C 723 7.52 -16.01 -14.84
CA TYR C 723 6.69 -16.95 -14.10
C TYR C 723 7.02 -16.89 -12.62
N LEU C 724 6.00 -16.91 -11.79
CA LEU C 724 6.16 -16.92 -10.33
C LEU C 724 5.79 -18.30 -9.80
N LEU C 725 6.70 -18.93 -9.07
CA LEU C 725 6.50 -20.29 -8.60
C LEU C 725 7.40 -20.51 -7.38
N GLU C 726 7.36 -21.73 -6.86
CA GLU C 726 8.17 -22.09 -5.70
C GLU C 726 9.65 -22.07 -6.04
N SER C 727 10.47 -21.63 -5.08
CA SER C 727 11.90 -21.45 -5.35
C SER C 727 12.59 -22.78 -5.62
N THR C 728 12.19 -23.84 -4.92
CA THR C 728 12.82 -25.14 -5.12
C THR C 728 12.62 -25.64 -6.55
N MET C 729 11.38 -25.56 -7.04
CA MET C 729 11.12 -25.96 -8.43
C MET C 729 11.81 -25.03 -9.41
N ASN C 730 11.92 -23.74 -9.06
CA ASN C 730 12.63 -22.81 -9.93
C ASN C 730 14.09 -23.22 -10.09
N GLU C 731 14.77 -23.53 -8.98
CA GLU C 731 16.15 -23.97 -9.07
C GLU C 731 16.29 -25.30 -9.80
N TYR C 732 15.36 -26.23 -9.55
CA TYR C 732 15.43 -27.51 -10.22
C TYR C 732 15.30 -27.35 -11.73
N ILE C 733 14.35 -26.53 -12.19
CA ILE C 733 14.21 -26.29 -13.63
C ILE C 733 15.44 -25.56 -14.16
N GLU C 734 16.01 -24.65 -13.37
CA GLU C 734 17.23 -23.96 -13.78
C GLU C 734 18.36 -24.94 -14.03
N GLN C 735 18.43 -26.03 -13.26
CA GLN C 735 19.48 -27.02 -13.44
C GLN C 735 19.11 -28.11 -14.44
N ARG C 736 18.08 -27.91 -15.26
CA ARG C 736 17.64 -28.87 -16.25
C ARG C 736 17.87 -28.36 -17.66
N LYS C 737 17.99 -29.29 -18.60
CA LYS C 737 18.13 -28.93 -19.99
C LYS C 737 16.83 -28.33 -20.51
N PRO C 738 16.91 -27.39 -21.47
CA PRO C 738 18.10 -26.87 -22.15
C PRO C 738 18.76 -25.70 -21.44
N CYS C 739 18.50 -25.51 -20.14
CA CYS C 739 19.15 -24.47 -19.34
C CYS C 739 18.92 -23.08 -19.91
N ASP C 740 17.70 -22.82 -20.38
CA ASP C 740 17.34 -21.51 -20.90
C ASP C 740 16.61 -20.64 -19.87
N THR C 741 16.44 -21.11 -18.64
CA THR C 741 15.75 -20.38 -17.61
C THR C 741 16.72 -20.05 -16.46
N MET C 742 16.36 -19.04 -15.69
CA MET C 742 17.17 -18.64 -14.55
C MET C 742 16.27 -18.07 -13.46
N LYS C 743 16.77 -18.11 -12.23
CA LYS C 743 16.07 -17.60 -11.06
C LYS C 743 16.72 -16.30 -10.61
N VAL C 744 15.92 -15.25 -10.48
CA VAL C 744 16.43 -13.93 -10.14
C VAL C 744 15.77 -13.44 -8.85
N GLY C 745 16.47 -12.56 -8.15
CA GLY C 745 15.94 -11.99 -6.93
C GLY C 745 15.93 -12.99 -5.79
N GLY C 746 15.20 -12.62 -4.74
CA GLY C 746 15.01 -13.45 -3.57
C GLY C 746 13.58 -13.94 -3.45
N ASN C 747 13.34 -14.70 -2.39
CA ASN C 747 12.01 -15.23 -2.13
C ASN C 747 11.07 -14.12 -1.70
N LEU C 748 9.85 -14.13 -2.27
CA LEU C 748 8.85 -13.14 -1.86
C LEU C 748 8.27 -13.49 -0.50
N ASP C 749 8.01 -14.77 -0.25
CA ASP C 749 7.51 -15.21 1.05
C ASP C 749 8.37 -16.32 1.64
N SER C 750 7.92 -16.93 2.73
CA SER C 750 8.70 -17.98 3.40
C SER C 750 7.77 -19.12 3.77
N LYS C 751 8.05 -20.30 3.25
CA LYS C 751 7.30 -21.51 3.55
C LYS C 751 8.28 -22.62 3.93
N GLY C 752 7.76 -23.83 4.10
CA GLY C 752 8.59 -24.95 4.48
C GLY C 752 7.93 -26.27 4.18
N TYR C 753 8.75 -27.28 3.91
CA TYR C 753 8.29 -28.65 3.74
C TYR C 753 8.55 -29.42 5.02
N GLY C 754 7.54 -30.15 5.50
CA GLY C 754 7.69 -30.90 6.72
C GLY C 754 7.26 -32.34 6.54
N ILE C 755 7.73 -33.17 7.47
CA ILE C 755 7.32 -34.58 7.53
C ILE C 755 6.11 -34.68 8.44
N ALA C 756 5.06 -35.33 7.95
CA ALA C 756 3.78 -35.34 8.63
C ALA C 756 3.46 -36.73 9.17
N THR C 757 2.84 -36.75 10.34
CA THR C 757 2.37 -37.96 11.01
C THR C 757 0.95 -37.73 11.48
N PRO C 758 0.20 -38.81 11.73
CA PRO C 758 -1.16 -38.64 12.27
C PRO C 758 -1.12 -38.02 13.67
N LYS C 759 -2.20 -37.32 14.01
CA LYS C 759 -2.31 -36.72 15.32
C LYS C 759 -2.23 -37.78 16.41
N GLY C 760 -1.40 -37.54 17.41
CA GLY C 760 -1.23 -38.48 18.51
C GLY C 760 -0.35 -39.67 18.20
N SER C 761 0.28 -39.73 17.03
CA SER C 761 1.12 -40.86 16.68
C SER C 761 2.38 -40.87 17.53
N SER C 762 2.88 -42.08 17.79
CA SER C 762 4.09 -42.25 18.61
C SER C 762 5.36 -41.91 17.86
N LEU C 763 5.30 -41.70 16.54
CA LEU C 763 6.47 -41.36 15.76
C LEU C 763 6.73 -39.86 15.68
N GLY C 764 5.81 -39.03 16.17
CA GLY C 764 5.95 -37.60 15.98
C GLY C 764 7.18 -37.03 16.66
N THR C 765 7.39 -37.39 17.94
CA THR C 765 8.55 -36.88 18.66
C THR C 765 9.87 -37.40 18.09
N PRO C 766 10.08 -38.71 17.88
CA PRO C 766 11.37 -39.15 17.33
C PRO C 766 11.65 -38.62 15.93
N VAL C 767 10.61 -38.46 15.10
CA VAL C 767 10.83 -37.95 13.75
C VAL C 767 11.28 -36.49 13.80
N ASN C 768 10.68 -35.70 14.69
CA ASN C 768 11.07 -34.30 14.82
C ASN C 768 12.52 -34.17 15.25
N LEU C 769 12.96 -35.01 16.19
CA LEU C 769 14.35 -34.95 16.63
C LEU C 769 15.30 -35.42 15.54
N ALA C 770 14.87 -36.36 14.71
CA ALA C 770 15.70 -36.83 13.60
C ALA C 770 15.96 -35.72 12.59
N VAL C 771 14.93 -34.92 12.28
CA VAL C 771 15.09 -33.83 11.32
C VAL C 771 16.09 -32.81 11.84
N LEU C 772 16.01 -32.47 13.13
CA LEU C 772 16.96 -31.53 13.71
C LEU C 772 18.37 -32.09 13.70
N LYS C 773 18.51 -33.39 13.97
CA LYS C 773 19.84 -34.00 13.94
C LYS C 773 20.44 -33.97 12.55
N LEU C 774 19.64 -34.29 11.52
CA LEU C 774 20.13 -34.29 10.16
C LEU C 774 20.42 -32.88 9.67
N SER C 775 19.67 -31.89 10.16
CA SER C 775 19.91 -30.51 9.75
C SER C 775 21.25 -29.99 10.27
N GLU C 776 21.58 -30.31 11.52
CA GLU C 776 22.80 -29.78 12.13
C GLU C 776 24.04 -30.53 11.70
N GLN C 777 23.90 -31.73 11.14
CA GLN C 777 25.04 -32.49 10.65
C GLN C 777 25.31 -32.26 9.17
N GLY C 778 24.51 -31.43 8.50
CA GLY C 778 24.69 -31.16 7.09
C GLY C 778 24.14 -32.21 6.16
N VAL C 779 23.44 -33.23 6.68
CA VAL C 779 22.89 -34.28 5.83
C VAL C 779 21.85 -33.70 4.88
N LEU C 780 20.98 -32.82 5.39
CA LEU C 780 19.96 -32.21 4.55
C LEU C 780 20.58 -31.28 3.51
N ASP C 781 21.65 -30.56 3.89
CA ASP C 781 22.40 -29.78 2.91
C ASP C 781 23.01 -30.67 1.84
N LYS C 782 23.60 -31.80 2.25
CA LYS C 782 24.23 -32.70 1.30
C LYS C 782 23.23 -33.30 0.32
N LEU C 783 22.05 -33.67 0.83
CA LEU C 783 21.03 -34.25 -0.04
C LEU C 783 20.50 -33.22 -1.03
N LYS C 784 20.37 -31.96 -0.60
CA LYS C 784 19.91 -30.92 -1.50
C LYS C 784 20.88 -30.71 -2.66
N ASN C 785 22.18 -30.65 -2.35
CA ASN C 785 23.17 -30.48 -3.41
C ASN C 785 23.20 -31.69 -4.35
N LYS C 786 23.05 -32.88 -3.79
CA LYS C 786 23.17 -34.10 -4.58
C LYS C 786 22.10 -34.17 -5.67
N TRP C 787 20.86 -33.82 -5.33
CA TRP C 787 19.75 -33.97 -6.26
C TRP C 787 19.41 -32.69 -7.01
N TRP C 788 20.03 -31.57 -6.68
CA TRP C 788 19.80 -30.31 -7.38
C TRP C 788 20.97 -29.89 -8.24
N TYR C 789 22.20 -30.11 -7.78
CA TYR C 789 23.38 -29.60 -8.47
C TYR C 789 24.33 -30.70 -8.92
N ASP C 790 24.61 -31.69 -8.07
CA ASP C 790 25.50 -32.78 -8.47
C ASP C 790 24.90 -33.57 -9.63
N LYS C 791 23.57 -33.67 -9.69
CA LYS C 791 22.89 -34.39 -10.76
C LYS C 791 22.27 -33.45 -11.78
N GLY C 792 22.69 -32.18 -11.78
CA GLY C 792 22.19 -31.24 -12.76
C GLY C 792 22.77 -31.46 -14.14
N GLU C 793 22.13 -30.84 -15.13
CA GLU C 793 22.54 -30.98 -16.53
C GLU C 793 23.01 -29.66 -17.13
N CYS C 794 23.40 -28.71 -16.29
CA CYS C 794 23.88 -27.42 -16.77
C CYS C 794 25.21 -27.06 -16.12
N LYS D 414 -4.65 -16.14 35.86
CA LYS D 414 -3.20 -16.29 35.99
C LYS D 414 -2.48 -15.61 34.82
N THR D 415 -1.70 -14.58 35.15
CA THR D 415 -0.96 -13.85 34.12
C THR D 415 0.20 -14.69 33.60
N VAL D 416 0.33 -14.74 32.28
CA VAL D 416 1.40 -15.52 31.64
C VAL D 416 2.70 -14.73 31.70
N VAL D 417 3.74 -15.36 32.27
CA VAL D 417 5.05 -14.74 32.38
C VAL D 417 5.81 -15.01 31.07
N VAL D 418 6.08 -13.95 30.32
CA VAL D 418 6.79 -14.05 29.05
C VAL D 418 8.23 -13.64 29.31
N THR D 419 9.16 -14.56 29.10
CA THR D 419 10.58 -14.27 29.26
C THR D 419 11.17 -13.89 27.90
N THR D 420 11.90 -12.78 27.87
CA THR D 420 12.53 -12.29 26.66
C THR D 420 13.98 -11.93 26.98
N ILE D 421 14.68 -11.44 25.96
CA ILE D 421 16.07 -11.02 26.09
C ILE D 421 16.22 -9.66 25.43
N LEU D 422 17.22 -8.90 25.89
CA LEU D 422 17.47 -7.56 25.37
C LEU D 422 18.34 -7.68 24.12
N GLU D 423 17.72 -7.63 22.95
CA GLU D 423 18.43 -7.75 21.68
C GLU D 423 17.72 -6.88 20.65
N SER D 424 18.49 -6.12 19.89
CA SER D 424 17.81 -5.26 18.92
C SER D 424 17.74 -5.92 17.55
N PRO D 425 16.66 -5.72 16.80
CA PRO D 425 15.47 -4.93 17.11
C PRO D 425 14.34 -5.76 17.71
N TYR D 426 14.66 -6.80 18.48
CA TYR D 426 13.63 -7.68 19.02
C TYR D 426 12.99 -7.08 20.27
N VAL D 427 13.80 -6.84 21.29
CA VAL D 427 13.33 -6.22 22.54
C VAL D 427 14.34 -5.17 22.95
N MET D 428 13.91 -3.91 23.02
CA MET D 428 14.77 -2.82 23.46
C MET D 428 13.97 -1.82 24.27
N MET D 429 14.66 -1.14 25.17
CA MET D 429 14.02 -0.11 26.00
C MET D 429 13.64 1.09 25.15
N LYS D 430 12.47 1.66 25.45
CA LYS D 430 12.07 2.90 24.79
C LYS D 430 12.90 4.07 25.29
N LYS D 431 12.88 5.16 24.54
CA LYS D 431 13.66 6.34 24.91
C LYS D 431 13.20 6.91 26.24
N ASN D 432 11.89 6.98 26.46
CA ASN D 432 11.31 7.50 27.70
C ASN D 432 10.83 6.37 28.60
N HIS D 433 11.57 5.26 28.62
CA HIS D 433 11.14 4.08 29.37
C HIS D 433 11.14 4.33 30.88
N GLU D 434 11.93 5.30 31.36
CA GLU D 434 11.95 5.57 32.79
C GLU D 434 10.61 6.09 33.29
N MET D 435 9.96 6.96 32.50
CA MET D 435 8.64 7.45 32.87
C MET D 435 7.59 6.34 32.79
N LEU D 436 7.69 5.48 31.78
CA LEU D 436 6.72 4.42 31.55
C LEU D 436 6.93 3.27 32.53
N GLU D 437 5.94 2.38 32.61
CA GLU D 437 6.01 1.23 33.49
C GLU D 437 5.19 0.09 32.88
N GLY D 438 5.58 -1.14 33.20
CA GLY D 438 4.89 -2.31 32.70
C GLY D 438 5.40 -2.78 31.36
N ASN D 439 4.48 -3.27 30.52
CA ASN D 439 4.85 -3.70 29.17
C ASN D 439 5.14 -2.53 28.23
N GLU D 440 4.87 -1.30 28.66
CA GLU D 440 5.16 -0.13 27.85
C GLU D 440 6.61 0.30 27.93
N ARG D 441 7.41 -0.32 28.80
CA ARG D 441 8.84 0.01 28.86
C ARG D 441 9.60 -0.47 27.64
N TYR D 442 9.12 -1.51 26.97
CA TYR D 442 9.85 -2.17 25.89
C TYR D 442 9.13 -1.97 24.56
N GLU D 443 9.88 -2.19 23.49
CA GLU D 443 9.34 -2.19 22.13
C GLU D 443 10.25 -3.03 21.25
N GLY D 444 9.73 -3.43 20.11
CA GLY D 444 10.52 -4.17 19.14
C GLY D 444 9.68 -5.22 18.44
N TYR D 445 10.35 -6.03 17.64
CA TYR D 445 9.68 -7.08 16.87
C TYR D 445 9.04 -8.11 17.79
N CYS D 446 9.77 -8.55 18.81
CA CYS D 446 9.25 -9.58 19.69
C CYS D 446 8.14 -9.06 20.59
N VAL D 447 8.15 -7.76 20.91
CA VAL D 447 7.05 -7.19 21.67
C VAL D 447 5.75 -7.25 20.86
N ASP D 448 5.83 -6.87 19.58
CA ASP D 448 4.66 -6.97 18.72
C ASP D 448 4.23 -8.42 18.53
N LEU D 449 5.20 -9.33 18.40
CA LEU D 449 4.86 -10.74 18.28
C LEU D 449 4.15 -11.25 19.52
N ALA D 450 4.63 -10.87 20.71
CA ALA D 450 3.97 -11.27 21.95
C ALA D 450 2.56 -10.69 22.03
N ALA D 451 2.39 -9.44 21.60
CA ALA D 451 1.06 -8.85 21.59
C ALA D 451 0.11 -9.63 20.67
N GLU D 452 0.58 -9.99 19.47
CA GLU D 452 -0.26 -10.74 18.54
C GLU D 452 -0.57 -12.13 19.06
N ILE D 453 0.41 -12.79 19.67
CA ILE D 453 0.19 -14.13 20.23
C ILE D 453 -0.84 -14.07 21.34
N ALA D 454 -0.73 -13.06 22.22
CA ALA D 454 -1.71 -12.90 23.29
C ALA D 454 -3.10 -12.61 22.72
N LYS D 455 -3.17 -11.79 21.67
CA LYS D 455 -4.46 -11.49 21.07
C LYS D 455 -5.10 -12.74 20.47
N HIS D 456 -4.31 -13.57 19.80
N HIS D 456 -4.31 -13.57 19.80
CA HIS D 456 -4.83 -14.79 19.20
CA HIS D 456 -4.86 -14.79 19.19
C HIS D 456 -5.34 -15.76 20.26
C HIS D 456 -5.34 -15.76 20.26
N CYS D 457 -4.57 -15.94 21.34
CA CYS D 457 -4.93 -16.89 22.39
C CYS D 457 -5.72 -16.26 23.53
N GLY D 458 -5.89 -14.94 23.54
CA GLY D 458 -6.71 -14.28 24.52
C GLY D 458 -6.26 -14.41 25.97
N PHE D 459 -4.98 -14.20 26.24
CA PHE D 459 -4.46 -14.24 27.61
C PHE D 459 -3.76 -12.93 27.93
N LYS D 460 -3.53 -12.71 29.22
CA LYS D 460 -2.83 -11.53 29.72
C LYS D 460 -1.40 -11.92 30.08
N TYR D 461 -0.45 -11.12 29.62
CA TYR D 461 0.96 -11.46 29.74
C TYR D 461 1.74 -10.32 30.39
N LYS D 462 2.87 -10.68 30.98
CA LYS D 462 3.80 -9.72 31.58
C LYS D 462 5.19 -10.00 31.04
N LEU D 463 5.72 -9.07 30.24
CA LEU D 463 7.06 -9.23 29.68
C LEU D 463 8.10 -9.18 30.78
N THR D 464 9.14 -10.01 30.65
CA THR D 464 10.21 -10.08 31.64
C THR D 464 11.52 -10.33 30.92
N ILE D 465 12.54 -9.54 31.23
CA ILE D 465 13.88 -9.75 30.69
C ILE D 465 14.59 -10.80 31.52
N VAL D 466 15.22 -11.77 30.85
CA VAL D 466 15.91 -12.83 31.57
C VAL D 466 17.06 -12.24 32.36
N GLY D 467 17.18 -12.64 33.63
CA GLY D 467 18.20 -12.08 34.49
C GLY D 467 19.61 -12.43 34.06
N ASP D 468 19.81 -13.68 33.65
CA ASP D 468 21.14 -14.12 33.22
C ASP D 468 21.60 -13.43 31.95
N GLY D 469 20.68 -12.94 31.14
CA GLY D 469 21.05 -12.31 29.88
C GLY D 469 21.56 -13.26 28.83
N LYS D 470 21.31 -14.56 28.98
CA LYS D 470 21.78 -15.58 28.06
C LYS D 470 20.60 -16.28 27.42
N TYR D 471 20.82 -16.79 26.20
CA TYR D 471 19.75 -17.44 25.46
C TYR D 471 19.42 -18.81 26.04
N GLY D 472 20.43 -19.54 26.47
CA GLY D 472 20.19 -20.83 27.10
C GLY D 472 21.16 -21.91 26.68
N ALA D 473 21.81 -22.54 27.66
CA ALA D 473 22.74 -23.62 27.42
C ALA D 473 22.86 -24.44 28.69
N ARG D 474 23.32 -25.68 28.52
CA ARG D 474 23.49 -26.61 29.63
C ARG D 474 24.97 -26.70 29.99
N ASP D 475 25.29 -26.46 31.25
CA ASP D 475 26.68 -26.54 31.69
C ASP D 475 27.15 -27.99 31.66
N ALA D 476 28.40 -28.20 31.22
CA ALA D 476 28.91 -29.55 31.07
C ALA D 476 29.06 -30.25 32.42
N ASP D 477 29.61 -29.54 33.42
CA ASP D 477 29.94 -30.18 34.68
C ASP D 477 28.70 -30.42 35.54
N THR D 478 27.74 -29.49 35.51
CA THR D 478 26.59 -29.55 36.41
C THR D 478 25.29 -29.98 35.75
N LYS D 479 25.24 -30.02 34.41
CA LYS D 479 24.02 -30.39 33.68
C LYS D 479 22.85 -29.50 34.08
N ILE D 480 23.11 -28.21 34.24
CA ILE D 480 22.09 -27.24 34.64
C ILE D 480 21.93 -26.22 33.52
N TRP D 481 20.69 -26.07 33.05
CA TRP D 481 20.40 -25.09 32.02
C TRP D 481 20.33 -23.69 32.63
N ASN D 482 20.71 -22.71 31.83
CA ASN D 482 20.68 -21.31 32.25
C ASN D 482 19.93 -20.48 31.23
N GLY D 483 19.73 -19.20 31.56
CA GLY D 483 19.09 -18.29 30.65
C GLY D 483 17.61 -18.60 30.44
N MET D 484 17.13 -18.30 29.24
CA MET D 484 15.72 -18.46 28.92
C MET D 484 15.29 -19.91 28.96
N VAL D 485 16.12 -20.81 28.41
CA VAL D 485 15.81 -22.22 28.43
C VAL D 485 15.78 -22.74 29.86
N GLY D 486 16.72 -22.29 30.68
CA GLY D 486 16.70 -22.67 32.09
C GLY D 486 15.46 -22.18 32.81
N GLU D 487 15.03 -20.94 32.51
CA GLU D 487 13.83 -20.42 33.12
C GLU D 487 12.61 -21.25 32.73
N LEU D 488 12.51 -21.63 31.46
CA LEU D 488 11.40 -22.47 31.04
C LEU D 488 11.45 -23.86 31.67
N VAL D 489 12.66 -24.43 31.78
CA VAL D 489 12.79 -25.78 32.29
C VAL D 489 12.39 -25.85 33.76
N TYR D 490 12.85 -24.90 34.56
CA TYR D 490 12.60 -24.89 35.99
C TYR D 490 11.31 -24.16 36.36
N GLY D 491 10.43 -23.95 35.39
CA GLY D 491 9.12 -23.37 35.67
C GLY D 491 9.16 -21.95 36.20
N LYS D 492 10.14 -21.16 35.77
CA LYS D 492 10.22 -19.75 36.14
C LYS D 492 9.58 -18.83 35.12
N ALA D 493 9.11 -19.36 33.99
CA ALA D 493 8.41 -18.59 32.98
C ALA D 493 7.47 -19.51 32.23
N ASP D 494 6.50 -18.92 31.55
CA ASP D 494 5.48 -19.69 30.84
C ASP D 494 5.72 -19.76 29.34
N ILE D 495 6.43 -18.81 28.75
CA ILE D 495 6.68 -18.78 27.32
C ILE D 495 7.86 -17.88 27.06
N ALA D 496 8.60 -18.15 26.00
CA ALA D 496 9.78 -17.36 25.61
C ALA D 496 9.57 -16.87 24.18
N ILE D 497 9.16 -15.62 24.04
CA ILE D 497 8.94 -15.01 22.72
C ILE D 497 10.16 -14.14 22.44
N ALA D 498 11.14 -14.73 21.78
CA ALA D 498 12.42 -14.08 21.55
C ALA D 498 13.17 -14.86 20.47
N PRO D 499 14.21 -14.26 19.86
CA PRO D 499 14.96 -14.99 18.84
C PRO D 499 15.78 -16.14 19.42
N LEU D 500 15.11 -17.22 19.78
CA LEU D 500 15.74 -18.42 20.31
C LEU D 500 15.87 -19.43 19.18
N THR D 501 17.09 -19.90 18.94
CA THR D 501 17.35 -20.80 17.82
C THR D 501 16.88 -22.21 18.15
N ILE D 502 16.17 -22.83 17.21
CA ILE D 502 15.65 -24.18 17.36
C ILE D 502 16.82 -25.14 17.14
N THR D 503 17.32 -25.72 18.22
CA THR D 503 18.42 -26.67 18.16
C THR D 503 17.97 -28.02 18.73
N LEU D 504 18.85 -29.01 18.62
CA LEU D 504 18.52 -30.38 19.03
C LEU D 504 18.39 -30.51 20.54
N VAL D 505 19.37 -30.01 21.29
CA VAL D 505 19.35 -30.15 22.74
C VAL D 505 18.17 -29.41 23.34
N ARG D 506 17.91 -28.20 22.85
CA ARG D 506 16.77 -27.43 23.34
C ARG D 506 15.46 -28.13 23.05
N GLU D 507 15.31 -28.65 21.83
CA GLU D 507 14.10 -29.40 21.49
C GLU D 507 13.97 -30.65 22.35
N GLU D 508 15.10 -31.22 22.77
CA GLU D 508 15.06 -32.33 23.71
C GLU D 508 14.54 -31.89 25.06
N VAL D 509 14.89 -30.67 25.49
CA VAL D 509 14.55 -30.24 26.84
C VAL D 509 13.26 -29.42 26.91
N ILE D 510 12.89 -28.71 25.84
CA ILE D 510 11.69 -27.88 25.82
C ILE D 510 10.97 -28.06 24.49
N ASP D 511 9.88 -27.32 24.31
CA ASP D 511 9.07 -27.36 23.11
C ASP D 511 9.28 -26.10 22.28
N PHE D 512 9.41 -26.27 20.98
CA PHE D 512 9.52 -25.16 20.03
C PHE D 512 8.33 -25.16 19.11
N SER D 513 7.86 -23.96 18.76
CA SER D 513 6.85 -23.81 17.73
C SER D 513 7.52 -23.81 16.36
N LYS D 514 6.71 -23.71 15.31
CA LYS D 514 7.26 -23.55 13.98
C LYS D 514 8.04 -22.23 13.90
N PRO D 515 9.14 -22.18 13.16
CA PRO D 515 9.93 -20.94 13.12
C PRO D 515 9.11 -19.77 12.59
N PHE D 516 9.23 -18.63 13.27
CA PHE D 516 8.62 -17.39 12.80
C PHE D 516 9.57 -16.53 12.00
N MET D 517 10.84 -16.91 11.91
CA MET D 517 11.82 -16.18 11.12
C MET D 517 12.93 -17.12 10.70
N SER D 518 13.13 -17.26 9.40
CA SER D 518 14.22 -18.05 8.85
C SER D 518 15.48 -17.19 8.74
N LEU D 519 16.63 -17.83 8.92
CA LEU D 519 17.91 -17.13 8.90
C LEU D 519 18.99 -18.13 8.51
N GLY D 520 20.22 -17.64 8.47
CA GLY D 520 21.35 -18.47 8.13
C GLY D 520 22.63 -17.68 8.23
N ILE D 521 23.74 -18.36 7.97
CA ILE D 521 25.05 -17.72 8.00
C ILE D 521 25.26 -16.94 6.71
N SER D 522 25.64 -15.67 6.84
CA SER D 522 25.84 -14.79 5.70
C SER D 522 27.21 -14.15 5.79
N ILE D 523 27.57 -13.42 4.74
CA ILE D 523 28.87 -12.75 4.64
C ILE D 523 28.65 -11.25 4.77
N MET D 524 29.48 -10.60 5.57
CA MET D 524 29.44 -9.15 5.77
C MET D 524 30.72 -8.53 5.23
N ILE D 525 30.58 -7.56 4.34
CA ILE D 525 31.70 -6.83 3.77
C ILE D 525 31.44 -5.33 3.86
N LYS D 526 32.51 -4.56 3.76
CA LYS D 526 32.38 -3.11 3.68
C LYS D 526 31.81 -2.72 2.33
N LYS D 527 30.94 -1.71 2.33
CA LYS D 527 30.25 -1.29 1.11
C LYS D 527 31.20 -0.66 0.10
N PRO D 653 33.69 -7.20 -5.12
CA PRO D 653 34.73 -8.20 -5.31
C PRO D 653 34.30 -9.59 -4.85
N ILE D 654 33.41 -9.64 -3.86
CA ILE D 654 32.92 -10.88 -3.28
C ILE D 654 31.41 -10.90 -3.41
N GLU D 655 30.86 -11.99 -3.95
CA GLU D 655 29.42 -12.14 -4.04
C GLU D 655 28.94 -13.54 -3.67
N SER D 656 29.84 -14.41 -3.22
CA SER D 656 29.46 -15.76 -2.81
C SER D 656 30.52 -16.29 -1.86
N ALA D 657 30.19 -17.39 -1.17
CA ALA D 657 31.17 -18.04 -0.31
C ALA D 657 32.27 -18.70 -1.12
N GLU D 658 31.94 -19.21 -2.32
CA GLU D 658 32.96 -19.81 -3.17
C GLU D 658 34.02 -18.80 -3.58
N ASP D 659 33.58 -17.58 -3.94
CA ASP D 659 34.54 -16.53 -4.29
C ASP D 659 35.42 -16.19 -3.09
N LEU D 660 34.84 -16.17 -1.89
CA LEU D 660 35.62 -15.93 -0.68
C LEU D 660 36.65 -17.03 -0.48
N SER D 661 36.28 -18.28 -0.75
CA SER D 661 37.21 -19.39 -0.56
C SER D 661 38.32 -19.39 -1.60
N LYS D 662 38.02 -18.97 -2.84
CA LYS D 662 39.03 -19.00 -3.90
C LYS D 662 40.18 -18.05 -3.62
N GLN D 663 39.87 -16.83 -3.21
CA GLN D 663 40.88 -15.78 -3.06
C GLN D 663 41.56 -15.87 -1.70
N THR D 664 42.59 -15.04 -1.53
CA THR D 664 43.31 -14.92 -0.27
C THR D 664 43.57 -13.49 0.15
N GLU D 665 43.31 -12.50 -0.70
CA GLU D 665 43.56 -11.11 -0.34
C GLU D 665 42.64 -10.67 0.80
N ILE D 666 41.37 -11.04 0.75
CA ILE D 666 40.39 -10.65 1.75
C ILE D 666 40.33 -11.73 2.82
N ALA D 667 40.53 -11.32 4.07
CA ALA D 667 40.40 -12.25 5.18
C ALA D 667 38.94 -12.37 5.62
N TYR D 668 38.65 -13.45 6.35
CA TYR D 668 37.33 -13.63 6.93
C TYR D 668 37.43 -14.53 8.14
N GLY D 669 36.53 -14.33 9.10
CA GLY D 669 36.53 -15.09 10.33
C GLY D 669 35.18 -15.06 11.02
N THR D 670 35.10 -15.81 12.11
CA THR D 670 33.88 -15.92 12.90
C THR D 670 34.20 -15.68 14.37
N LEU D 671 33.25 -16.00 15.24
CA LEU D 671 33.49 -15.92 16.66
C LEU D 671 34.42 -17.04 17.11
N ASP D 672 35.10 -16.82 18.24
CA ASP D 672 36.00 -17.85 18.77
C ASP D 672 35.23 -19.09 19.21
N SER D 673 33.93 -18.98 19.43
CA SER D 673 33.10 -20.14 19.74
C SER D 673 31.65 -19.76 19.47
N GLY D 674 30.89 -20.72 18.98
CA GLY D 674 29.49 -20.51 18.70
C GLY D 674 29.03 -21.40 17.57
N SER D 675 27.77 -21.20 17.19
CA SER D 675 27.15 -22.07 16.18
C SER D 675 27.85 -21.95 14.84
N THR D 676 28.25 -20.75 14.44
CA THR D 676 28.90 -20.55 13.15
C THR D 676 30.25 -21.26 13.10
N LYS D 677 31.06 -21.09 14.15
CA LYS D 677 32.36 -21.75 14.19
C LYS D 677 32.20 -23.27 14.25
N GLU D 678 31.22 -23.76 15.00
CA GLU D 678 30.99 -25.19 15.04
C GLU D 678 30.54 -25.72 13.68
N PHE D 679 29.72 -24.93 12.97
CA PHE D 679 29.31 -25.31 11.62
C PHE D 679 30.50 -25.42 10.69
N PHE D 680 31.41 -24.44 10.76
CA PHE D 680 32.57 -24.48 9.87
C PHE D 680 33.54 -25.60 10.25
N ARG D 681 33.70 -25.86 11.55
CA ARG D 681 34.64 -26.88 11.99
C ARG D 681 34.19 -28.28 11.56
N ARG D 682 32.90 -28.56 11.65
CA ARG D 682 32.37 -29.89 11.38
C ARG D 682 31.92 -30.10 9.94
N SER D 683 31.91 -29.05 9.12
CA SER D 683 31.37 -29.16 7.77
C SER D 683 32.19 -30.11 6.92
N LYS D 684 31.50 -30.92 6.12
CA LYS D 684 32.14 -31.88 5.23
C LYS D 684 32.17 -31.42 3.78
N ILE D 685 31.40 -30.39 3.42
CA ILE D 685 31.44 -29.85 2.06
C ILE D 685 32.81 -29.24 1.81
N ALA D 686 33.32 -29.43 0.58
CA ALA D 686 34.69 -29.03 0.27
C ALA D 686 34.88 -27.52 0.44
N VAL D 687 33.90 -26.72 0.02
CA VAL D 687 34.03 -25.27 0.12
C VAL D 687 34.20 -24.85 1.58
N PHE D 688 33.25 -25.24 2.43
CA PHE D 688 33.34 -24.87 3.83
C PHE D 688 34.52 -25.55 4.51
N ASP D 689 34.91 -26.74 4.04
CA ASP D 689 36.09 -27.40 4.60
C ASP D 689 37.35 -26.58 4.36
N LYS D 690 37.52 -26.06 3.15
CA LYS D 690 38.72 -25.26 2.89
C LYS D 690 38.63 -23.89 3.55
N MET D 691 37.42 -23.33 3.69
CA MET D 691 37.27 -22.10 4.45
C MET D 691 37.71 -22.31 5.90
N TRP D 692 37.27 -23.42 6.51
CA TRP D 692 37.68 -23.72 7.89
C TRP D 692 39.17 -23.99 7.97
N THR D 693 39.73 -24.66 6.97
CA THR D 693 41.17 -24.92 6.97
C THR D 693 41.96 -23.63 6.92
N TYR D 694 41.51 -22.66 6.11
CA TYR D 694 42.20 -21.38 6.05
C TYR D 694 42.07 -20.65 7.39
N MET D 695 40.85 -20.59 7.94
CA MET D 695 40.64 -19.86 9.18
C MET D 695 41.45 -20.45 10.33
N ARG D 696 41.49 -21.78 10.42
CA ARG D 696 42.28 -22.42 11.47
C ARG D 696 43.77 -22.21 11.26
N SER D 697 44.19 -21.89 10.03
CA SER D 697 45.59 -21.70 9.70
C SER D 697 45.86 -20.31 9.17
N ALA D 698 45.30 -19.29 9.83
CA ALA D 698 45.46 -17.90 9.41
C ALA D 698 46.19 -17.13 10.49
N GLU D 699 47.18 -16.35 10.08
CA GLU D 699 47.95 -15.50 10.98
C GLU D 699 47.89 -14.05 10.48
N PRO D 700 47.44 -13.09 11.30
CA PRO D 700 46.97 -13.24 12.69
C PRO D 700 45.60 -13.89 12.75
N SER D 701 45.14 -14.28 13.93
CA SER D 701 43.86 -14.96 14.06
C SER D 701 42.73 -14.07 13.56
N VAL D 702 41.81 -14.68 12.81
CA VAL D 702 40.68 -13.95 12.22
C VAL D 702 39.43 -14.02 13.08
N PHE D 703 39.51 -14.61 14.27
CA PHE D 703 38.35 -14.76 15.12
C PHE D 703 38.16 -13.53 16.01
N VAL D 704 36.90 -13.23 16.32
CA VAL D 704 36.54 -12.07 17.13
C VAL D 704 35.71 -12.54 18.31
N ARG D 705 35.83 -11.80 19.41
CA ARG D 705 35.19 -12.18 20.67
C ARG D 705 33.71 -11.87 20.71
N THR D 706 33.24 -10.86 19.97
CA THR D 706 31.84 -10.47 20.00
C THR D 706 31.46 -9.95 18.62
N THR D 707 30.15 -9.97 18.34
CA THR D 707 29.66 -9.48 17.06
C THR D 707 30.05 -8.03 16.84
N ALA D 708 30.00 -7.22 17.90
CA ALA D 708 30.41 -5.82 17.78
C ALA D 708 31.87 -5.70 17.38
N GLU D 709 32.74 -6.54 17.94
CA GLU D 709 34.14 -6.54 17.55
C GLU D 709 34.31 -6.91 16.08
N GLY D 710 33.55 -7.90 15.61
CA GLY D 710 33.64 -8.27 14.21
C GLY D 710 33.19 -7.16 13.28
N VAL D 711 32.09 -6.50 13.61
CA VAL D 711 31.61 -5.39 12.79
C VAL D 711 32.60 -4.25 12.80
N ALA D 712 33.20 -3.96 13.97
CA ALA D 712 34.20 -2.90 14.05
C ALA D 712 35.42 -3.23 13.19
N ARG D 713 35.87 -4.49 13.23
CA ARG D 713 37.01 -4.88 12.41
C ARG D 713 36.67 -4.79 10.92
N VAL D 714 35.44 -5.16 10.55
CA VAL D 714 35.03 -5.03 9.15
C VAL D 714 35.07 -3.58 8.72
N ARG D 715 34.55 -2.67 9.54
CA ARG D 715 34.51 -1.26 9.18
C ARG D 715 35.88 -0.60 9.22
N LYS D 716 36.80 -1.10 10.05
CA LYS D 716 38.13 -0.52 10.15
C LYS D 716 39.15 -1.19 9.24
N SER D 717 38.79 -2.28 8.56
CA SER D 717 39.73 -2.99 7.70
C SER D 717 39.68 -2.54 6.25
N LYS D 718 38.92 -1.49 5.95
CA LYS D 718 38.84 -0.87 4.61
C LYS D 718 38.71 -1.91 3.50
N GLY D 719 37.82 -2.87 3.70
CA GLY D 719 37.52 -3.85 2.67
C GLY D 719 38.42 -5.06 2.63
N LYS D 720 39.32 -5.21 3.61
CA LYS D 720 40.24 -6.35 3.65
C LYS D 720 39.86 -7.36 4.72
N TYR D 721 38.60 -7.37 5.15
CA TYR D 721 38.11 -8.35 6.10
C TYR D 721 36.63 -8.58 5.86
N ALA D 722 36.20 -9.83 6.01
CA ALA D 722 34.80 -10.21 5.89
C ALA D 722 34.35 -10.89 7.17
N TYR D 723 33.08 -10.68 7.53
CA TYR D 723 32.50 -11.24 8.75
C TYR D 723 31.42 -12.23 8.38
N LEU D 724 31.44 -13.40 9.03
CA LEU D 724 30.41 -14.41 8.84
C LEU D 724 29.54 -14.44 10.09
N LEU D 725 28.24 -14.21 9.91
CA LEU D 725 27.33 -14.05 11.03
C LEU D 725 25.91 -14.32 10.55
N GLU D 726 24.96 -14.28 11.50
CA GLU D 726 23.57 -14.52 11.18
C GLU D 726 23.04 -13.47 10.21
N SER D 727 22.19 -13.91 9.28
CA SER D 727 21.70 -13.02 8.23
C SER D 727 20.81 -11.91 8.80
N THR D 728 20.04 -12.21 9.84
CA THR D 728 19.16 -11.20 10.42
C THR D 728 19.96 -10.06 11.03
N MET D 729 20.98 -10.40 11.80
CA MET D 729 21.86 -9.37 12.36
C MET D 729 22.62 -8.64 11.25
N ASN D 730 22.98 -9.36 10.19
CA ASN D 730 23.64 -8.74 9.05
C ASN D 730 22.77 -7.65 8.44
N GLU D 731 21.50 -7.97 8.18
CA GLU D 731 20.60 -6.98 7.60
C GLU D 731 20.35 -5.83 8.56
N TYR D 732 20.20 -6.14 9.86
CA TYR D 732 19.98 -5.09 10.84
C TYR D 732 21.13 -4.09 10.84
N ILE D 733 22.38 -4.58 10.91
CA ILE D 733 23.52 -3.70 10.88
C ILE D 733 23.62 -2.97 9.54
N GLU D 734 23.22 -3.63 8.46
CA GLU D 734 23.21 -2.98 7.15
C GLU D 734 22.26 -1.78 7.15
N GLN D 735 21.19 -1.83 7.94
CA GLN D 735 20.24 -0.72 8.03
C GLN D 735 20.51 0.20 9.22
N ARG D 736 21.77 0.35 9.60
CA ARG D 736 22.16 1.24 10.69
C ARG D 736 23.21 2.24 10.21
N LYS D 737 23.27 3.37 10.90
CA LYS D 737 24.34 4.33 10.63
C LYS D 737 25.69 3.76 11.06
N PRO D 738 26.77 4.11 10.35
CA PRO D 738 26.86 5.07 9.24
C PRO D 738 26.63 4.44 7.86
N CYS D 739 26.04 3.24 7.80
CA CYS D 739 25.64 2.60 6.55
C CYS D 739 26.86 2.38 5.64
N ASP D 740 27.82 1.62 6.14
CA ASP D 740 29.03 1.32 5.38
C ASP D 740 29.25 -0.18 5.16
N THR D 741 28.34 -1.03 5.61
CA THR D 741 28.44 -2.47 5.41
C THR D 741 27.28 -2.95 4.54
N MET D 742 27.46 -4.13 3.96
CA MET D 742 26.44 -4.72 3.11
C MET D 742 26.51 -6.24 3.21
N LYS D 743 25.41 -6.88 2.85
CA LYS D 743 25.30 -8.33 2.85
C LYS D 743 25.41 -8.84 1.42
N VAL D 744 26.32 -9.80 1.19
CA VAL D 744 26.62 -10.30 -0.13
C VAL D 744 26.35 -11.80 -0.17
N GLY D 745 25.74 -12.26 -1.25
CA GLY D 745 25.52 -13.68 -1.46
C GLY D 745 24.33 -14.21 -0.70
N GLY D 746 24.15 -15.53 -0.82
CA GLY D 746 23.09 -16.22 -0.11
C GLY D 746 23.56 -16.72 1.24
N ASN D 747 22.66 -17.44 1.91
CA ASN D 747 22.96 -18.00 3.22
C ASN D 747 23.70 -19.32 3.08
N LEU D 748 24.68 -19.52 3.94
CA LEU D 748 25.48 -20.74 3.91
C LEU D 748 24.75 -21.93 4.53
N ASP D 749 23.73 -21.69 5.34
CA ASP D 749 22.95 -22.75 5.97
C ASP D 749 21.55 -22.23 6.27
N SER D 750 20.77 -23.02 7.00
CA SER D 750 19.40 -22.66 7.33
C SER D 750 19.14 -22.92 8.80
N LYS D 751 18.56 -21.92 9.48
CA LYS D 751 18.14 -22.03 10.86
C LYS D 751 16.81 -21.30 11.01
N GLY D 752 16.29 -21.27 12.23
CA GLY D 752 15.02 -20.63 12.49
C GLY D 752 14.90 -20.20 13.92
N TYR D 753 14.11 -19.16 14.16
CA TYR D 753 13.78 -18.69 15.50
C TYR D 753 12.39 -19.17 15.86
N GLY D 754 12.28 -19.83 17.00
CA GLY D 754 11.01 -20.39 17.43
C GLY D 754 10.62 -19.93 18.81
N ILE D 755 9.32 -19.81 19.02
CA ILE D 755 8.78 -19.48 20.33
C ILE D 755 8.81 -20.74 21.19
N ALA D 756 9.41 -20.62 22.38
CA ALA D 756 9.65 -21.76 23.23
C ALA D 756 8.60 -21.85 24.35
N THR D 757 8.23 -23.08 24.69
CA THR D 757 7.19 -23.36 25.66
C THR D 757 7.69 -24.52 26.52
N PRO D 758 7.40 -24.53 27.81
CA PRO D 758 7.87 -25.64 28.65
C PRO D 758 7.33 -26.98 28.19
N LYS D 759 8.17 -28.01 28.35
CA LYS D 759 7.82 -29.38 27.96
C LYS D 759 6.58 -29.86 28.70
N GLY D 760 5.48 -30.07 27.97
CA GLY D 760 4.23 -30.51 28.57
C GLY D 760 3.23 -29.41 28.86
N SER D 761 3.54 -28.16 28.51
CA SER D 761 2.61 -27.07 28.76
C SER D 761 1.43 -27.13 27.81
N SER D 762 0.37 -26.41 28.17
CA SER D 762 -0.85 -26.36 27.37
C SER D 762 -0.85 -25.26 26.33
N LEU D 763 0.16 -24.38 26.33
CA LEU D 763 0.23 -23.29 25.38
C LEU D 763 0.85 -23.68 24.04
N GLY D 764 1.49 -24.85 23.95
CA GLY D 764 2.24 -25.21 22.77
C GLY D 764 1.44 -25.26 21.50
N THR D 765 0.33 -26.01 21.50
CA THR D 765 -0.50 -26.12 20.29
C THR D 765 -1.14 -24.80 19.90
N PRO D 766 -1.80 -24.04 20.80
CA PRO D 766 -2.33 -22.74 20.38
C PRO D 766 -1.26 -21.79 19.90
N VAL D 767 -0.08 -21.79 20.52
CA VAL D 767 1.00 -20.90 20.09
C VAL D 767 1.49 -21.29 18.70
N ASN D 768 1.62 -22.58 18.44
CA ASN D 768 2.04 -23.04 17.11
C ASN D 768 1.01 -22.65 16.06
N LEU D 769 -0.28 -22.83 16.36
CA LEU D 769 -1.31 -22.45 15.42
C LEU D 769 -1.31 -20.94 15.18
N ALA D 770 -1.08 -20.16 16.23
CA ALA D 770 -1.01 -18.71 16.08
C ALA D 770 0.16 -18.30 15.20
N VAL D 771 1.32 -18.96 15.37
CA VAL D 771 2.48 -18.65 14.55
C VAL D 771 2.19 -18.95 13.09
N LEU D 772 1.59 -20.12 12.83
CA LEU D 772 1.25 -20.47 11.45
C LEU D 772 0.25 -19.48 10.86
N LYS D 773 -0.76 -19.08 11.63
CA LYS D 773 -1.75 -18.13 11.17
C LYS D 773 -1.12 -16.77 10.84
N LEU D 774 -0.23 -16.30 11.72
CA LEU D 774 0.46 -15.04 11.49
C LEU D 774 1.34 -15.11 10.25
N SER D 775 2.00 -16.24 10.03
CA SER D 775 2.78 -16.42 8.80
C SER D 775 1.89 -16.38 7.57
N GLU D 776 0.74 -17.04 7.63
CA GLU D 776 -0.10 -17.16 6.45
C GLU D 776 -0.79 -15.84 6.09
N GLN D 777 -1.19 -15.04 7.09
CA GLN D 777 -1.72 -13.72 6.74
C GLN D 777 -0.64 -12.68 6.44
N GLY D 778 0.63 -13.02 6.63
CA GLY D 778 1.69 -12.09 6.33
C GLY D 778 1.98 -11.05 7.39
N VAL D 779 1.50 -11.25 8.62
CA VAL D 779 1.80 -10.31 9.69
C VAL D 779 3.29 -10.33 10.02
N LEU D 780 3.90 -11.51 10.00
CA LEU D 780 5.32 -11.62 10.29
C LEU D 780 6.16 -10.93 9.24
N ASP D 781 5.73 -10.98 7.97
CA ASP D 781 6.42 -10.23 6.93
C ASP D 781 6.34 -8.73 7.19
N LYS D 782 5.17 -8.25 7.61
CA LYS D 782 5.00 -6.82 7.89
C LYS D 782 5.84 -6.39 9.09
N LEU D 783 5.84 -7.19 10.16
CA LEU D 783 6.64 -6.85 11.34
C LEU D 783 8.13 -6.85 11.04
N LYS D 784 8.59 -7.79 10.21
CA LYS D 784 9.98 -7.80 9.80
C LYS D 784 10.33 -6.54 9.01
N ASN D 785 9.47 -6.16 8.08
CA ASN D 785 9.72 -4.97 7.28
CA ASN D 785 9.73 -4.96 7.27
C ASN D 785 9.72 -3.71 8.13
N LYS D 786 8.82 -3.64 9.11
CA LYS D 786 8.70 -2.44 9.93
C LYS D 786 9.96 -2.21 10.77
N TRP D 787 10.44 -3.24 11.45
CA TRP D 787 11.52 -3.10 12.41
C TRP D 787 12.90 -3.24 11.79
N TRP D 788 12.98 -3.56 10.51
CA TRP D 788 14.28 -3.68 9.82
C TRP D 788 14.48 -2.59 8.76
N TYR D 789 13.48 -2.33 7.94
CA TYR D 789 13.59 -1.39 6.83
C TYR D 789 12.82 -0.09 7.05
N ASP D 790 11.59 -0.18 7.59
CA ASP D 790 10.83 1.04 7.84
C ASP D 790 11.49 1.90 8.91
N LYS D 791 12.10 1.27 9.92
CA LYS D 791 12.85 1.97 10.95
C LYS D 791 14.33 2.06 10.61
N GLY D 792 14.73 1.66 9.41
CA GLY D 792 16.12 1.75 9.02
C GLY D 792 16.59 3.18 8.86
N GLU D 793 17.87 3.41 9.15
CA GLU D 793 18.47 4.73 9.08
C GLU D 793 19.36 4.89 7.85
N CYS D 794 19.14 4.07 6.82
CA CYS D 794 19.98 4.11 5.63
C CYS D 794 19.14 4.38 4.39
C1 Y4Y E . -23.88 17.31 -18.75
C2 Y4Y E . -23.69 16.80 -17.41
C3 Y4Y E . -22.15 15.94 -19.50
C4 Y4Y E . -21.98 15.45 -18.21
C5 Y4Y E . -21.31 15.45 -20.56
C6 Y4Y E . -20.96 14.46 -17.93
C8 Y4Y E . -20.16 13.98 -18.97
O1 Y4Y E . -24.85 18.26 -18.99
O2 Y4Y E . -24.53 17.28 -16.34
N2 Y4Y E . -22.76 15.90 -17.16
N1 Y4Y E . -23.11 16.87 -19.75
C7 Y4Y E . -20.32 14.48 -20.30
N3 Y4Y E . -19.47 13.98 -21.42
O3 Y4Y E . -20.03 13.16 -22.45
O5 Y4Y E . -18.10 14.33 -21.46
C Y4Y E . -19.08 12.93 -18.67
N17 Y4Y E . -17.74 13.41 -19.08
C1 CYZ F . -16.06 18.09 -1.12
C2 CYZ F . -16.64 19.30 -1.35
C3 CYZ F . -15.70 20.40 -1.27
C4 CYZ F . -15.11 20.35 0.20
C5 CYZ F . -15.71 19.20 0.82
C6 CYZ F . -15.46 18.07 0.16
C7 CYZ F . -17.21 19.45 0.16
C8 CYZ F . -14.91 17.81 -2.24
N1 CYZ F . -15.44 18.13 -3.51
S1 CYZ F . -14.38 17.82 -4.69
C9 CYZ F . -13.64 16.29 -4.49
C10 CYZ F . -13.71 15.70 -3.31
N2 CYZ F . -14.46 16.37 -2.13
C11 CYZ F . -12.95 15.66 -5.59
C12 CYZ F . -12.36 14.44 -5.41
C13 CYZ F . -12.44 13.81 -4.18
C14 CYZ F . -13.11 14.42 -3.12
CL CYZ F . -11.66 12.22 -3.95
S2 CYZ F . -11.46 13.62 -6.81
O1 CYZ F . -13.20 18.97 -4.64
O2 CYZ F . -15.19 17.83 -6.13
O3 CYZ F . -11.74 14.44 -8.19
O4 CYZ F . -12.00 12.10 -6.98
N3 CYZ F . -9.79 13.59 -6.49
C1 Y4Y G . -9.08 25.30 9.11
C2 Y4Y G . -10.05 25.88 8.25
C3 Y4Y G . -7.40 26.36 7.91
C4 Y4Y G . -8.35 26.92 7.08
C5 Y4Y G . -5.99 26.63 7.69
C6 Y4Y G . -7.95 27.79 6.00
C8 Y4Y G . -6.59 28.06 5.79
O1 Y4Y G . -9.47 24.46 10.15
O2 Y4Y G . -11.46 25.60 8.46
N2 Y4Y G . -9.70 26.67 7.26
N1 Y4Y G . -7.77 25.54 8.92
C7 Y4Y G . -5.61 27.48 6.64
N3 Y4Y G . -4.15 27.78 6.40
O3 Y4Y G . -3.51 28.81 7.14
O5 Y4Y G . -3.44 27.03 5.44
C Y4Y G . -6.18 28.99 4.63
N17 Y4Y G . -6.94 30.24 4.69
C1 CYZ H . -18.99 24.72 -7.43
C2 CYZ H . -19.22 23.48 -6.92
C3 CYZ H . -18.87 22.44 -7.83
C4 CYZ H . -19.73 22.67 -9.13
C5 CYZ H . -20.48 23.88 -8.89
C6 CYZ H . -19.70 24.92 -8.64
C7 CYZ H . -20.81 23.52 -7.30
C8 CYZ H . -17.40 24.89 -7.73
N1 CYZ H . -16.69 24.51 -6.58
S1 CYZ H . -15.07 24.69 -6.77
C9 CYZ H . -14.70 26.18 -7.49
C10 CYZ H . -15.66 26.87 -8.10
N2 CYZ H . -17.11 26.33 -8.13
C11 CYZ H . -13.34 26.69 -7.46
C12 CYZ H . -13.06 27.90 -8.06
C13 CYZ H . -14.07 28.61 -8.67
C14 CYZ H . -15.37 28.12 -8.71
CL CYZ H . -13.69 30.18 -9.46
S2 CYZ H . -11.35 28.59 -8.04
O1 CYZ H . -14.54 23.48 -7.77
O2 CYZ H . -14.37 24.62 -5.27
O3 CYZ H . -10.38 27.68 -7.09
O4 CYZ H . -11.39 30.11 -7.47
N3 CYZ H . -10.72 28.62 -9.63
C1 Y4Y I . 1.17 -28.22 -2.36
C2 Y4Y I . 2.05 -28.90 -1.45
C3 Y4Y I . 2.81 -28.28 -4.00
C4 Y4Y I . 3.66 -28.95 -3.13
C5 Y4Y I . 3.24 -27.98 -5.34
C6 Y4Y I . 4.98 -29.33 -3.56
C8 Y4Y I . 5.41 -29.04 -4.86
O1 Y4Y I . -0.10 -27.85 -1.94
O2 Y4Y I . 1.62 -29.22 -0.12
N2 Y4Y I . 3.25 -29.26 -1.84
N1 Y4Y I . 1.56 -27.92 -3.59
C7 Y4Y I . 4.53 -28.35 -5.75
N3 Y4Y I . 4.98 -28.03 -7.15
O3 Y4Y I . 4.65 -28.90 -8.24
O5 Y4Y I . 5.73 -26.86 -7.38
C Y4Y I . 6.82 -29.45 -5.30
N17 Y4Y I . 7.61 -28.27 -5.70
C1 CYZ J . 14.81 -26.35 10.93
C2 CYZ J . 13.85 -25.53 11.45
C3 CYZ J . 14.31 -24.20 11.70
C4 CYZ J . 15.53 -24.33 12.70
C5 CYZ J . 15.70 -25.74 12.92
C6 CYZ J . 15.93 -26.42 11.79
C7 CYZ J . 14.07 -26.08 12.97
C8 CYZ J . 15.29 -25.74 9.49
N1 CYZ J . 14.15 -25.47 8.72
S1 CYZ J . 14.54 -24.93 7.24
C9 CYZ J . 15.79 -25.83 6.54
C10 CYZ J . 16.52 -26.64 7.31
N2 CYZ J . 16.21 -26.76 8.82
C11 CYZ J . 16.08 -25.72 5.12
C12 CYZ J . 17.12 -26.45 4.58
C13 CYZ J . 17.85 -27.29 5.39
C14 CYZ J . 17.57 -27.40 6.74
CL CYZ J . 19.17 -28.24 4.67
S2 CYZ J . 17.53 -26.35 2.78
O1 CYZ J . 15.04 -23.36 7.38
O2 CYZ J . 13.19 -25.05 6.27
O3 CYZ J . 16.39 -25.47 1.99
O4 CYZ J . 17.57 -27.85 2.16
N3 CYZ J . 19.05 -25.61 2.58
C1 Y4Y K . 21.69 -18.17 20.63
C2 Y4Y K . 20.32 -18.08 20.20
C3 Y4Y K . 22.13 -16.11 19.64
C4 Y4Y K . 20.80 -16.03 19.23
C5 Y4Y K . 23.05 -15.05 19.31
C6 Y4Y K . 20.35 -14.89 18.47
C8 Y4Y K . 21.24 -13.86 18.17
O1 Y4Y K . 22.12 -19.28 21.34
O2 Y4Y K . 19.40 -19.14 20.53
N2 Y4Y K . 19.91 -17.04 19.52
N1 Y4Y K . 22.55 -17.20 20.34
C7 Y4Y K . 22.60 -13.94 18.59
N3 Y4Y K . 23.56 -12.84 18.25
O3 Y4Y K . 24.07 -11.99 19.30
O5 Y4Y K . 23.95 -12.62 16.92
C Y4Y K . 20.75 -12.64 17.37
N17 Y4Y K . 19.47 -12.15 17.91
C1 CYZ L . 6.72 -21.61 8.97
C2 CYZ L . 7.40 -22.79 9.14
C3 CYZ L . 7.85 -23.36 7.91
C4 CYZ L . 6.56 -23.59 7.02
C5 CYZ L . 5.46 -23.08 7.81
C6 CYZ L . 5.60 -21.80 8.13
C7 CYZ L . 6.04 -23.67 9.26
C8 CYZ L . 7.71 -20.52 8.28
N1 CYZ L . 8.93 -20.52 8.99
S1 CYZ L . 9.96 -19.42 8.41
C9 CYZ L . 9.19 -17.92 8.14
C10 CYZ L . 7.86 -17.87 8.09
N2 CYZ L . 7.03 -19.16 8.28
C11 CYZ L . 9.98 -16.71 7.97
C12 CYZ L . 9.34 -15.51 7.75
C13 CYZ L . 7.96 -15.46 7.70
C14 CYZ L . 7.21 -16.63 7.86
CL CYZ L . 7.13 -13.91 7.42
S2 CYZ L . 10.32 -13.96 7.53
O1 CYZ L . 10.53 -19.97 6.96
O2 CYZ L . 11.18 -19.21 9.52
O3 CYZ L . 9.44 -12.87 6.69
O4 CYZ L . 11.67 -14.28 6.71
N3 CYZ L . 10.70 -13.30 9.05
#